data_3PVT
#
_entry.id   3PVT
#
_cell.length_a   77.366
_cell.length_b   77.366
_cell.length_c   301.412
_cell.angle_alpha   90.000
_cell.angle_beta   90.000
_cell.angle_gamma   90.000
#
_symmetry.space_group_name_H-M   'P 41 21 2'
#
loop_
_entity.id
_entity.type
_entity.pdbx_description
1 polymer 'Phenylacetic acid degradation protein paaA'
2 polymer 'Phenylacetic acid degradation protein paaC'
3 non-polymer '3-HYDROXYBUTANOYL-COENZYME A'
4 non-polymer GLYCEROL
5 water water
#
loop_
_entity_poly.entity_id
_entity_poly.type
_entity_poly.pdbx_seq_one_letter_code
_entity_poly.pdbx_strand_id
1 'polypeptide(L)'
;MRSTQEERFEQRIAQETAIEPQDWMPDAYRKTLIRQIGQHAHSEIVGMLPEGNWITRAPTLRRKAILLAKVQDEAGHGLY
LYSAAETLGCAREDIYQKMLDGRMKYSSIFNYPTLSWADIGVIGWLVDGAAIVNQVALCRTSYGPYARAMVKICKEESFH
QRQGFEACMALAQGSEAQKQMLQDAINRFWWPALMMFGPNDDNSPNSARSLTWKIKRFTNDELRQRFVDNTVPQVEMLGM
TVPDPDLHFDTESGHYRFGEIDWQEFNEVINGRGICNQERLDAKRKAWEEGTWVREAALAHAQKQHARKVA
;
A
2 'polypeptide(L)'
;MGSSHHHHHHGSNQLTAYTLRLGDNCLVLSQRLGEWCGHAPELEIDLALANIGLDLLGQARNFLSYAAELAGEGDEDTLA
FTRDERQFSNLLLVEQPNGNFADTIARQYFIDAWHVALFTRLMESRDPQLAAISAKAIKEARYHLRFSRGWLERLGNGTD
VSGQKMQQAINKLWRFTAELFDADEIDIALSEEGIAVDPRTLRAAWEAEVFAGINEATLNVPQEQAYRTGGKKGLHTEHL
GPMLAEMQYLQRVLPGQQW
;
B,C
#
# COMPACT_ATOMS: atom_id res chain seq x y z
N MET A 1 -2.93 24.45 -45.11
CA MET A 1 -3.94 24.87 -44.09
C MET A 1 -4.50 23.67 -43.33
N ARG A 2 -4.37 23.71 -42.00
CA ARG A 2 -5.10 22.83 -41.11
C ARG A 2 -6.59 23.03 -41.34
N SER A 3 -7.38 21.98 -41.12
CA SER A 3 -8.83 22.13 -41.05
C SER A 3 -9.17 22.90 -39.78
N THR A 4 -10.41 23.39 -39.72
CA THR A 4 -10.91 24.08 -38.55
C THR A 4 -10.93 23.17 -37.32
N GLN A 5 -11.27 21.89 -37.53
CA GLN A 5 -11.19 20.89 -36.47
C GLN A 5 -9.75 20.79 -35.93
N GLU A 6 -8.80 20.70 -36.85
CA GLU A 6 -7.39 20.55 -36.50
C GLU A 6 -6.87 21.79 -35.77
N GLU A 7 -7.26 22.96 -36.28
CA GLU A 7 -6.82 24.22 -35.71
C GLU A 7 -7.39 24.41 -34.31
N ARG A 8 -8.69 24.14 -34.15
CA ARG A 8 -9.37 24.26 -32.85
C ARG A 8 -8.68 23.37 -31.82
N PHE A 9 -8.34 22.15 -32.24
CA PHE A 9 -7.66 21.22 -31.35
C PHE A 9 -6.34 21.80 -30.84
N GLU A 10 -5.49 22.29 -31.75
CA GLU A 10 -4.21 22.88 -31.36
C GLU A 10 -4.42 24.04 -30.38
N GLN A 11 -5.48 24.81 -30.59
CA GLN A 11 -5.80 25.91 -29.68
C GLN A 11 -6.22 25.40 -28.29
N ARG A 12 -7.00 24.32 -28.24
CA ARG A 12 -7.37 23.70 -26.96
C ARG A 12 -6.13 23.24 -26.18
N ILE A 13 -5.21 22.56 -26.87
CA ILE A 13 -3.97 22.08 -26.27
C ILE A 13 -3.14 23.26 -25.70
N ALA A 14 -2.94 24.31 -26.50
CA ALA A 14 -2.15 25.46 -26.09
C ALA A 14 -2.70 26.13 -24.81
N GLN A 15 -4.02 26.18 -24.67
CA GLN A 15 -4.63 26.83 -23.52
C GLN A 15 -4.84 25.88 -22.32
N GLU A 16 -4.30 24.67 -22.42
CA GLU A 16 -4.37 23.64 -21.37
C GLU A 16 -5.81 23.23 -21.04
N THR A 17 -6.65 23.20 -22.06
CA THR A 17 -8.01 22.72 -21.92
C THR A 17 -7.99 21.21 -22.09
N ALA A 18 -8.28 20.47 -21.02
CA ALA A 18 -8.26 18.99 -21.05
C ALA A 18 -9.14 18.43 -22.16
N ILE A 19 -8.61 17.50 -22.93
CA ILE A 19 -9.38 16.79 -23.95
C ILE A 19 -10.22 15.68 -23.30
N GLU A 20 -11.50 15.62 -23.65
CA GLU A 20 -12.44 14.64 -23.09
C GLU A 20 -12.91 13.66 -24.17
N PRO A 21 -13.49 12.50 -23.77
CA PRO A 21 -13.73 11.45 -24.77
C PRO A 21 -14.64 11.84 -25.94
N GLN A 22 -15.51 12.84 -25.73
CA GLN A 22 -16.45 13.28 -26.75
C GLN A 22 -15.92 14.38 -27.67
N ASP A 23 -14.75 14.92 -27.35
CA ASP A 23 -14.11 15.97 -28.14
C ASP A 23 -13.50 15.41 -29.41
N TRP A 24 -13.48 16.20 -30.47
CA TRP A 24 -12.69 15.83 -31.65
C TRP A 24 -11.22 15.76 -31.25
N MET A 25 -10.52 14.81 -31.84
CA MET A 25 -9.07 14.74 -31.67
C MET A 25 -8.46 14.19 -32.96
N PRO A 26 -7.22 14.58 -33.28
CA PRO A 26 -6.54 13.98 -34.42
C PRO A 26 -6.52 12.48 -34.26
N ASP A 27 -6.68 11.76 -35.36
CA ASP A 27 -6.67 10.32 -35.28
C ASP A 27 -5.34 9.78 -34.75
N ALA A 28 -4.24 10.43 -35.10
CA ALA A 28 -2.92 10.05 -34.60
C ALA A 28 -2.76 10.27 -33.08
N TYR A 29 -3.49 11.24 -32.54
CA TYR A 29 -3.52 11.53 -31.09
C TYR A 29 -4.30 10.41 -30.37
N ARG A 30 -5.49 10.11 -30.88
CA ARG A 30 -6.31 8.99 -30.37
C ARG A 30 -5.50 7.71 -30.32
N LYS A 31 -4.85 7.39 -31.44
CA LYS A 31 -4.09 6.15 -31.54
C LYS A 31 -2.83 6.09 -30.67
N THR A 32 -2.10 7.20 -30.53
CA THR A 32 -0.91 7.18 -29.67
C THR A 32 -1.27 7.01 -28.18
N LEU A 33 -2.44 7.51 -27.81
CA LEU A 33 -2.92 7.33 -26.45
C LEU A 33 -3.47 5.93 -26.20
N ILE A 34 -4.11 5.33 -27.20
CA ILE A 34 -4.56 3.94 -27.08
C ILE A 34 -3.30 3.08 -26.88
N ARG A 35 -2.28 3.35 -27.72
CA ARG A 35 -0.97 2.75 -27.56
C ARG A 35 -0.40 2.95 -26.14
N GLN A 36 -0.27 4.22 -25.71
CA GLN A 36 0.45 4.50 -24.47
C GLN A 36 -0.35 4.14 -23.21
N ILE A 37 -1.63 4.50 -23.15
CA ILE A 37 -2.45 4.14 -22.00
C ILE A 37 -2.63 2.58 -21.93
N GLY A 38 -2.85 1.95 -23.09
CA GLY A 38 -2.99 0.50 -23.17
C GLY A 38 -1.75 -0.23 -22.65
N GLN A 39 -0.57 0.21 -23.09
CA GLN A 39 0.71 -0.36 -22.64
C GLN A 39 1.05 -0.01 -21.18
N HIS A 40 0.59 1.16 -20.73
CA HIS A 40 0.63 1.52 -19.31
C HIS A 40 -0.19 0.51 -18.49
N ALA A 41 -1.41 0.20 -18.95
CA ALA A 41 -2.27 -0.80 -18.28
C ALA A 41 -1.69 -2.20 -18.36
N HIS A 42 -1.16 -2.59 -19.52
CA HIS A 42 -0.42 -3.86 -19.65
C HIS A 42 0.70 -3.98 -18.60
N SER A 43 1.42 -2.89 -18.39
CA SER A 43 2.54 -2.85 -17.43
C SER A 43 2.10 -3.13 -16.00
N GLU A 44 0.93 -2.60 -15.62
CA GLU A 44 0.36 -2.89 -14.30
C GLU A 44 0.18 -4.38 -14.10
N ILE A 45 -0.40 -5.03 -15.11
CA ILE A 45 -0.66 -6.45 -15.10
C ILE A 45 0.59 -7.33 -15.07
N VAL A 46 1.52 -7.08 -15.99
CA VAL A 46 2.74 -7.88 -16.03
C VAL A 46 3.56 -7.67 -14.76
N GLY A 47 3.53 -6.45 -14.21
CA GLY A 47 4.33 -6.13 -13.03
C GLY A 47 3.97 -6.84 -11.76
N MET A 48 2.82 -7.50 -11.78
CA MET A 48 2.38 -8.34 -10.66
C MET A 48 3.23 -9.60 -10.53
N LEU A 49 3.87 -10.02 -11.63
CA LEU A 49 4.55 -11.31 -11.70
C LEU A 49 5.92 -11.33 -11.00
N PRO A 50 6.80 -10.34 -11.26
CA PRO A 50 8.06 -10.43 -10.49
C PRO A 50 7.87 -10.26 -8.99
N GLU A 51 6.94 -9.41 -8.58
CA GLU A 51 6.60 -9.27 -7.17
C GLU A 51 5.82 -10.45 -6.60
N GLY A 52 4.89 -10.99 -7.39
CA GLY A 52 4.12 -12.15 -6.98
C GLY A 52 5.03 -13.35 -6.71
N ASN A 53 6.14 -13.39 -7.45
CA ASN A 53 7.19 -14.40 -7.31
C ASN A 53 7.67 -14.56 -5.86
N TRP A 54 7.58 -13.48 -5.07
CA TRP A 54 8.03 -13.46 -3.68
C TRP A 54 6.98 -13.37 -2.59
N ILE A 55 5.70 -13.31 -2.96
CA ILE A 55 4.65 -13.21 -1.96
C ILE A 55 4.70 -14.39 -0.94
N THR A 56 4.89 -15.60 -1.44
CA THR A 56 4.90 -16.78 -0.58
C THR A 56 6.22 -16.98 0.19
N ARG A 57 7.24 -16.16 -0.11
CA ARG A 57 8.58 -16.34 0.47
C ARG A 57 9.04 -15.17 1.32
N ALA A 58 8.21 -14.15 1.42
CA ALA A 58 8.61 -12.91 2.14
C ALA A 58 9.00 -13.22 3.59
N PRO A 59 10.04 -12.54 4.12
CA PRO A 59 10.63 -12.99 5.38
C PRO A 59 9.84 -12.73 6.65
N THR A 60 8.93 -11.75 6.65
CA THR A 60 8.08 -11.52 7.81
C THR A 60 6.62 -11.39 7.39
N LEU A 61 5.69 -11.58 8.32
CA LEU A 61 4.27 -11.43 7.99
C LEU A 61 3.92 -9.98 7.66
N ARG A 62 4.55 -9.04 8.36
CA ARG A 62 4.41 -7.61 8.02
C ARG A 62 4.82 -7.32 6.57
N ARG A 63 6.02 -7.74 6.15
CA ARG A 63 6.48 -7.50 4.79
C ARG A 63 5.64 -8.21 3.76
N LYS A 64 5.18 -9.42 4.10
CA LYS A 64 4.26 -10.16 3.25
C LYS A 64 2.93 -9.41 3.06
N ALA A 65 2.35 -8.89 4.14
CA ALA A 65 1.09 -8.13 4.07
C ALA A 65 1.24 -6.84 3.23
N ILE A 66 2.29 -6.09 3.48
CA ILE A 66 2.61 -4.89 2.67
C ILE A 66 2.70 -5.25 1.17
N LEU A 67 3.33 -6.37 0.86
CA LEU A 67 3.52 -6.76 -0.52
C LEU A 67 2.20 -7.19 -1.15
N LEU A 68 1.36 -7.90 -0.41
CA LEU A 68 0.04 -8.29 -0.92
C LEU A 68 -0.81 -7.06 -1.23
N ALA A 69 -0.77 -6.06 -0.35
CA ALA A 69 -1.54 -4.83 -0.54
C ALA A 69 -1.05 -4.09 -1.80
N LYS A 70 0.25 -4.12 -2.02
CA LYS A 70 0.82 -3.45 -3.18
C LYS A 70 0.32 -4.11 -4.45
N VAL A 71 0.41 -5.44 -4.48
CA VAL A 71 0.05 -6.18 -5.66
C VAL A 71 -1.45 -6.04 -5.95
N GLN A 72 -2.27 -6.04 -4.91
CA GLN A 72 -3.69 -5.80 -5.05
C GLN A 72 -3.98 -4.40 -5.68
N ASP A 73 -3.25 -3.40 -5.21
CA ASP A 73 -3.33 -2.05 -5.79
C ASP A 73 -2.94 -2.02 -7.27
N GLU A 74 -1.85 -2.69 -7.64
CA GLU A 74 -1.43 -2.78 -9.05
C GLU A 74 -2.53 -3.30 -9.95
N ALA A 75 -3.24 -4.30 -9.47
CA ALA A 75 -4.36 -4.87 -10.21
C ALA A 75 -5.45 -3.81 -10.42
N GLY A 76 -5.78 -3.11 -9.33
CA GLY A 76 -6.75 -2.01 -9.38
C GLY A 76 -6.33 -0.91 -10.34
N HIS A 77 -5.06 -0.56 -10.34
CA HIS A 77 -4.52 0.44 -11.27
C HIS A 77 -4.61 0.01 -12.74
N GLY A 78 -4.40 -1.27 -13.01
CA GLY A 78 -4.59 -1.81 -14.35
C GLY A 78 -6.02 -1.58 -14.81
N LEU A 79 -6.97 -1.85 -13.91
CA LEU A 79 -8.38 -1.63 -14.20
C LEU A 79 -8.68 -0.16 -14.53
N TYR A 80 -8.15 0.77 -13.73
CA TYR A 80 -8.33 2.21 -14.00
C TYR A 80 -7.81 2.60 -15.38
N LEU A 81 -6.63 2.07 -15.74
CA LEU A 81 -6.03 2.38 -17.03
C LEU A 81 -6.77 1.76 -18.21
N TYR A 82 -7.22 0.50 -18.07
CA TYR A 82 -8.10 -0.05 -19.10
C TYR A 82 -9.37 0.78 -19.31
N SER A 83 -10.02 1.19 -18.22
CA SER A 83 -11.19 2.08 -18.31
C SER A 83 -10.90 3.34 -19.09
N ALA A 84 -9.78 3.99 -18.75
CA ALA A 84 -9.35 5.21 -19.40
C ALA A 84 -9.07 4.98 -20.90
N ALA A 85 -8.37 3.90 -21.21
CA ALA A 85 -8.10 3.54 -22.60
C ALA A 85 -9.40 3.30 -23.39
N GLU A 86 -10.36 2.61 -22.78
CA GLU A 86 -11.65 2.35 -23.42
C GLU A 86 -12.45 3.62 -23.77
N THR A 87 -12.25 4.72 -23.05
CA THR A 87 -12.94 6.00 -23.43
C THR A 87 -12.52 6.49 -24.82
N LEU A 88 -11.42 5.96 -25.35
CA LEU A 88 -10.90 6.34 -26.68
C LEU A 88 -11.45 5.45 -27.81
N GLY A 89 -12.31 4.51 -27.45
CA GLY A 89 -12.96 3.64 -28.44
C GLY A 89 -12.34 2.27 -28.62
N CYS A 90 -11.31 1.94 -27.84
CA CYS A 90 -10.72 0.59 -27.94
C CYS A 90 -11.41 -0.39 -26.98
N ALA A 91 -11.17 -1.68 -27.16
CA ALA A 91 -11.69 -2.69 -26.24
C ALA A 91 -10.55 -3.32 -25.44
N ARG A 92 -10.70 -3.34 -24.11
CA ARG A 92 -9.76 -4.04 -23.21
C ARG A 92 -9.42 -5.45 -23.71
N GLU A 93 -10.43 -6.27 -23.98
CA GLU A 93 -10.20 -7.64 -24.44
C GLU A 93 -9.29 -7.68 -25.67
N ASP A 94 -9.49 -6.72 -26.58
CA ASP A 94 -8.69 -6.65 -27.80
C ASP A 94 -7.22 -6.25 -27.55
N ILE A 95 -6.99 -5.18 -26.81
CA ILE A 95 -5.61 -4.77 -26.53
C ILE A 95 -4.88 -5.76 -25.59
N TYR A 96 -5.61 -6.39 -24.68
CA TYR A 96 -5.00 -7.43 -23.85
C TYR A 96 -4.48 -8.60 -24.72
N GLN A 97 -5.30 -9.02 -25.68
CA GLN A 97 -4.89 -10.05 -26.64
C GLN A 97 -3.63 -9.66 -27.45
N LYS A 98 -3.54 -8.39 -27.84
CA LYS A 98 -2.34 -7.92 -28.53
C LYS A 98 -1.11 -7.97 -27.63
N MET A 99 -1.31 -7.74 -26.34
CA MET A 99 -0.23 -7.90 -25.39
C MET A 99 0.22 -9.36 -25.34
N LEU A 100 -0.74 -10.27 -25.17
CA LEU A 100 -0.45 -11.72 -25.18
C LEU A 100 0.31 -12.18 -26.42
N ASP A 101 -0.01 -11.59 -27.58
CA ASP A 101 0.60 -11.89 -28.87
C ASP A 101 1.92 -11.16 -29.11
N GLY A 102 2.33 -10.31 -28.18
CA GLY A 102 3.52 -9.49 -28.36
C GLY A 102 3.33 -8.38 -29.39
N ARG A 103 2.08 -8.03 -29.65
CA ARG A 103 1.77 -6.92 -30.58
C ARG A 103 1.70 -5.56 -29.86
N MET A 104 1.54 -5.58 -28.54
CA MET A 104 1.73 -4.37 -27.74
C MET A 104 2.73 -4.63 -26.65
N LYS A 105 3.36 -3.56 -26.18
CA LYS A 105 4.44 -3.64 -25.21
C LYS A 105 3.91 -3.53 -23.78
N TYR A 106 4.80 -3.79 -22.81
CA TYR A 106 4.62 -3.44 -21.42
C TYR A 106 6.02 -3.00 -20.95
N SER A 107 6.09 -2.35 -19.78
CA SER A 107 7.36 -1.80 -19.30
C SER A 107 8.51 -2.81 -19.27
N SER A 108 9.62 -2.44 -19.92
CA SER A 108 10.89 -3.20 -19.93
C SER A 108 11.30 -3.76 -18.58
N ILE A 109 11.05 -3.01 -17.50
CA ILE A 109 11.56 -3.37 -16.17
C ILE A 109 10.99 -4.71 -15.69
N PHE A 110 9.83 -5.11 -16.21
CA PHE A 110 9.18 -6.32 -15.71
C PHE A 110 9.74 -7.61 -16.33
N ASN A 111 10.75 -7.48 -17.19
CA ASN A 111 11.43 -8.62 -17.77
C ASN A 111 12.67 -9.07 -17.03
N TYR A 112 12.84 -8.54 -15.83
CA TYR A 112 14.00 -8.84 -15.00
C TYR A 112 13.56 -9.70 -13.83
N PRO A 113 14.38 -10.70 -13.47
CA PRO A 113 13.96 -11.68 -12.44
C PRO A 113 14.16 -11.22 -11.00
N THR A 114 13.28 -11.66 -10.10
CA THR A 114 13.48 -11.44 -8.67
C THR A 114 14.24 -12.61 -8.05
N LEU A 115 15.55 -12.38 -7.86
CA LEU A 115 16.47 -13.43 -7.46
C LEU A 115 16.76 -13.41 -5.99
N SER A 116 16.18 -12.45 -5.27
CA SER A 116 16.34 -12.35 -3.83
C SER A 116 15.26 -11.50 -3.24
N TRP A 117 15.10 -11.56 -1.92
CA TRP A 117 14.12 -10.74 -1.26
C TRP A 117 14.46 -9.24 -1.40
N ALA A 118 15.77 -8.90 -1.40
CA ALA A 118 16.18 -7.51 -1.59
C ALA A 118 15.66 -6.89 -2.89
N ASP A 119 15.54 -7.71 -3.95
CA ASP A 119 14.97 -7.29 -5.23
C ASP A 119 13.57 -6.73 -5.05
N ILE A 120 12.83 -7.28 -4.11
CA ILE A 120 11.48 -6.83 -3.83
C ILE A 120 11.49 -5.45 -3.23
N GLY A 121 12.39 -5.19 -2.29
CA GLY A 121 12.46 -3.87 -1.68
C GLY A 121 12.99 -2.89 -2.71
N VAL A 122 13.96 -3.31 -3.50
CA VAL A 122 14.49 -2.47 -4.57
C VAL A 122 13.43 -2.14 -5.65
N ILE A 123 12.59 -3.11 -6.02
CA ILE A 123 11.46 -2.80 -6.91
C ILE A 123 10.51 -1.77 -6.25
N GLY A 124 10.19 -1.99 -4.98
CA GLY A 124 9.36 -1.04 -4.25
C GLY A 124 9.97 0.36 -4.23
N TRP A 125 11.29 0.43 -4.09
CA TRP A 125 11.99 1.72 -3.95
C TRP A 125 12.44 2.38 -5.28
N LEU A 126 13.29 1.71 -6.06
CA LEU A 126 13.84 2.31 -7.28
C LEU A 126 12.87 2.28 -8.44
N VAL A 127 12.30 1.11 -8.69
CA VAL A 127 11.37 0.90 -9.81
C VAL A 127 10.09 1.70 -9.59
N ASP A 128 9.51 1.62 -8.41
CA ASP A 128 8.33 2.41 -8.12
C ASP A 128 8.68 3.89 -8.07
N GLY A 129 9.90 4.22 -7.62
CA GLY A 129 10.37 5.62 -7.60
C GLY A 129 10.46 6.22 -9.00
N ALA A 130 10.93 5.43 -9.97
CA ALA A 130 11.00 5.84 -11.37
C ALA A 130 9.61 5.98 -11.98
N ALA A 131 8.71 5.05 -11.67
CA ALA A 131 7.32 5.14 -12.16
C ALA A 131 6.60 6.38 -11.59
N ILE A 132 6.93 6.75 -10.36
CA ILE A 132 6.33 7.91 -9.71
C ILE A 132 6.75 9.23 -10.39
N VAL A 133 8.04 9.40 -10.68
CA VAL A 133 8.53 10.58 -11.42
C VAL A 133 7.81 10.69 -12.76
N ASN A 134 7.76 9.58 -13.49
CA ASN A 134 7.10 9.54 -14.79
C ASN A 134 5.59 9.78 -14.66
N GLN A 135 4.97 9.16 -13.67
CA GLN A 135 3.51 9.24 -13.53
C GLN A 135 2.98 10.56 -12.95
N VAL A 136 3.77 11.19 -12.07
CA VAL A 136 3.39 12.50 -11.54
C VAL A 136 3.46 13.52 -12.69
N ALA A 137 4.47 13.37 -13.56
CA ALA A 137 4.63 14.18 -14.76
C ALA A 137 3.46 14.07 -15.74
N LEU A 138 2.71 12.97 -15.65
CA LEU A 138 1.55 12.71 -16.49
C LEU A 138 0.22 13.18 -15.87
N CYS A 139 0.26 13.65 -14.62
CA CYS A 139 -0.93 14.23 -14.01
C CYS A 139 -1.42 15.48 -14.76
N ARG A 140 -0.56 16.05 -15.60
CA ARG A 140 -0.98 17.17 -16.45
C ARG A 140 -0.96 16.83 -17.95
N THR A 141 -0.97 15.54 -18.28
CA THR A 141 -1.16 15.08 -19.66
C THR A 141 -2.48 15.64 -20.21
N SER A 142 -2.51 15.90 -21.52
CA SER A 142 -3.62 16.65 -22.12
C SER A 142 -4.98 15.92 -22.15
N TYR A 143 -4.98 14.59 -22.08
CA TYR A 143 -6.23 13.84 -22.15
C TYR A 143 -6.78 13.60 -20.74
N GLY A 144 -7.98 14.15 -20.49
CA GLY A 144 -8.57 14.21 -19.16
C GLY A 144 -8.66 12.89 -18.41
N PRO A 145 -9.31 11.88 -19.01
CA PRO A 145 -9.41 10.55 -18.38
C PRO A 145 -8.06 10.00 -17.98
N TYR A 146 -7.03 10.24 -18.79
CA TYR A 146 -5.68 9.78 -18.48
C TYR A 146 -5.09 10.57 -17.30
N ALA A 147 -5.16 11.89 -17.36
CA ALA A 147 -4.69 12.75 -16.27
C ALA A 147 -5.34 12.40 -14.93
N ARG A 148 -6.67 12.25 -14.92
CA ARG A 148 -7.40 11.92 -13.70
C ARG A 148 -7.06 10.51 -13.16
N ALA A 149 -6.83 9.55 -14.07
CA ALA A 149 -6.40 8.22 -13.63
C ALA A 149 -4.99 8.28 -13.01
N MET A 150 -4.12 9.14 -13.56
CA MET A 150 -2.77 9.32 -12.99
C MET A 150 -2.84 9.93 -11.60
N VAL A 151 -3.72 10.91 -11.39
CA VAL A 151 -3.87 11.52 -10.08
C VAL A 151 -4.17 10.42 -9.03
N LYS A 152 -5.18 9.61 -9.32
CA LYS A 152 -5.66 8.54 -8.42
C LYS A 152 -4.57 7.51 -8.13
N ILE A 153 -3.96 7.04 -9.20
CA ILE A 153 -2.84 6.11 -9.14
C ILE A 153 -1.67 6.67 -8.32
N CYS A 154 -1.26 7.92 -8.58
CA CYS A 154 -0.11 8.48 -7.89
C CYS A 154 -0.37 8.63 -6.39
N LYS A 155 -1.60 8.97 -6.01
CA LYS A 155 -1.98 9.07 -4.61
C LYS A 155 -1.74 7.74 -3.89
N GLU A 156 -2.00 6.62 -4.56
CA GLU A 156 -1.87 5.31 -3.94
C GLU A 156 -0.42 4.79 -3.99
N GLU A 157 0.23 4.90 -5.14
CA GLU A 157 1.58 4.37 -5.33
C GLU A 157 2.66 4.92 -4.41
N SER A 158 2.61 6.20 -4.08
CA SER A 158 3.75 6.80 -3.38
C SER A 158 3.87 6.24 -1.95
N PHE A 159 2.73 5.89 -1.37
CA PHE A 159 2.70 5.15 -0.11
C PHE A 159 3.49 3.83 -0.21
N HIS A 160 3.22 3.01 -1.24
CA HIS A 160 3.92 1.72 -1.42
C HIS A 160 5.44 1.89 -1.67
N GLN A 161 5.80 2.94 -2.41
CA GLN A 161 7.19 3.26 -2.67
C GLN A 161 7.96 3.59 -1.36
N ARG A 162 7.30 4.33 -0.46
CA ARG A 162 7.84 4.59 0.86
C ARG A 162 8.05 3.29 1.65
N GLN A 163 7.09 2.36 1.56
CA GLN A 163 7.23 1.05 2.22
C GLN A 163 8.39 0.25 1.60
N GLY A 164 8.54 0.30 0.28
CA GLY A 164 9.71 -0.31 -0.37
C GLY A 164 11.04 0.20 0.17
N PHE A 165 11.16 1.52 0.28
CA PHE A 165 12.35 2.13 0.85
C PHE A 165 12.60 1.67 2.29
N GLU A 166 11.53 1.61 3.10
CA GLU A 166 11.71 1.14 4.47
C GLU A 166 12.21 -0.31 4.56
N ALA A 167 11.74 -1.17 3.65
CA ALA A 167 12.24 -2.57 3.57
C ALA A 167 13.71 -2.58 3.23
N CYS A 168 14.13 -1.65 2.36
CA CYS A 168 15.55 -1.54 1.99
C CYS A 168 16.36 -0.98 3.15
N MET A 169 15.78 -0.03 3.90
CA MET A 169 16.42 0.51 5.09
C MET A 169 16.68 -0.59 6.13
N ALA A 170 15.71 -1.50 6.30
CA ALA A 170 15.92 -2.62 7.23
C ALA A 170 17.16 -3.47 6.85
N LEU A 171 17.30 -3.84 5.58
CA LEU A 171 18.51 -4.50 5.08
C LEU A 171 19.76 -3.65 5.26
N ALA A 172 19.67 -2.35 4.93
CA ALA A 172 20.81 -1.45 5.06
C ALA A 172 21.33 -1.31 6.49
N GLN A 173 20.43 -1.46 7.47
CA GLN A 173 20.81 -1.35 8.89
C GLN A 173 20.97 -2.70 9.56
N GLY A 174 20.84 -3.79 8.79
CA GLY A 174 20.84 -5.13 9.34
C GLY A 174 22.21 -5.78 9.29
N SER A 175 22.24 -7.10 9.15
CA SER A 175 23.49 -7.84 9.24
C SER A 175 24.27 -7.59 7.95
N GLU A 176 25.55 -7.96 7.96
CA GLU A 176 26.39 -7.89 6.76
C GLU A 176 25.80 -8.65 5.56
N ALA A 177 25.23 -9.83 5.80
CA ALA A 177 24.59 -10.57 4.71
C ALA A 177 23.40 -9.81 4.09
N GLN A 178 22.60 -9.18 4.94
CA GLN A 178 21.46 -8.35 4.49
C GLN A 178 21.93 -7.14 3.68
N LYS A 179 23.03 -6.52 4.12
CA LYS A 179 23.57 -5.35 3.40
C LYS A 179 24.06 -5.74 2.01
N GLN A 180 24.73 -6.91 1.93
CA GLN A 180 25.23 -7.41 0.65
C GLN A 180 24.08 -7.81 -0.27
N MET A 181 23.02 -8.35 0.30
CA MET A 181 21.82 -8.64 -0.45
C MET A 181 21.29 -7.36 -1.13
N LEU A 182 21.15 -6.30 -0.34
CA LEU A 182 20.68 -5.00 -0.85
C LEU A 182 21.58 -4.47 -1.97
N GLN A 183 22.89 -4.48 -1.74
CA GLN A 183 23.79 -3.94 -2.75
C GLN A 183 23.65 -4.70 -4.07
N ASP A 184 23.56 -6.03 -3.99
CA ASP A 184 23.52 -6.85 -5.18
C ASP A 184 22.23 -6.60 -5.96
N ALA A 185 21.12 -6.39 -5.24
CA ALA A 185 19.83 -6.08 -5.87
C ALA A 185 19.89 -4.72 -6.59
N ILE A 186 20.52 -3.73 -5.94
CA ILE A 186 20.79 -2.43 -6.57
C ILE A 186 21.66 -2.60 -7.82
N ASN A 187 22.72 -3.39 -7.72
CA ASN A 187 23.59 -3.57 -8.86
C ASN A 187 22.85 -4.11 -10.08
N ARG A 188 21.85 -4.95 -9.84
CA ARG A 188 21.12 -5.58 -10.92
C ARG A 188 19.92 -4.77 -11.40
N PHE A 189 19.39 -3.87 -10.57
CA PHE A 189 18.17 -3.13 -10.96
C PHE A 189 18.35 -1.64 -11.32
N TRP A 190 19.52 -1.10 -11.01
CA TRP A 190 19.77 0.35 -11.18
C TRP A 190 19.59 0.80 -12.63
N TRP A 191 20.34 0.17 -13.54
CA TRP A 191 20.29 0.56 -14.94
C TRP A 191 18.94 0.23 -15.60
N PRO A 192 18.37 -0.97 -15.30
CA PRO A 192 17.01 -1.24 -15.80
C PRO A 192 15.96 -0.21 -15.35
N ALA A 193 16.08 0.31 -14.14
CA ALA A 193 15.18 1.38 -13.67
C ALA A 193 15.38 2.64 -14.50
N LEU A 194 16.62 3.02 -14.76
CA LEU A 194 16.89 4.19 -15.63
C LEU A 194 16.26 4.05 -17.02
N MET A 195 16.15 2.82 -17.51
CA MET A 195 15.63 2.56 -18.85
C MET A 195 14.11 2.68 -18.91
N MET A 196 13.45 2.63 -17.76
CA MET A 196 11.99 2.82 -17.67
C MET A 196 11.53 4.14 -18.28
N PHE A 197 12.38 5.15 -18.24
CA PHE A 197 12.05 6.50 -18.76
C PHE A 197 11.97 6.59 -20.27
N GLY A 198 12.55 5.60 -20.95
CA GLY A 198 12.47 5.50 -22.40
C GLY A 198 13.80 5.83 -23.04
N PRO A 199 13.86 5.80 -24.39
CA PRO A 199 15.09 6.12 -25.13
C PRO A 199 15.46 7.60 -25.01
N ASN A 200 16.73 7.94 -25.32
CA ASN A 200 17.23 9.33 -25.40
C ASN A 200 16.33 10.21 -26.27
N ASP A 201 16.40 11.53 -26.07
CA ASP A 201 15.55 12.48 -26.80
C ASP A 201 15.87 12.49 -28.31
N ASP A 202 17.07 12.03 -28.67
CA ASP A 202 17.49 11.86 -30.07
C ASP A 202 16.93 10.61 -30.75
N ASN A 203 16.42 9.67 -29.96
CA ASN A 203 16.02 8.35 -30.46
C ASN A 203 14.60 7.98 -30.03
N SER A 204 13.73 8.98 -30.01
CA SER A 204 12.42 8.80 -29.45
C SER A 204 11.37 9.17 -30.48
N PRO A 205 10.95 8.21 -31.32
CA PRO A 205 10.04 8.56 -32.44
C PRO A 205 8.71 9.20 -32.02
N ASN A 206 8.16 8.84 -30.86
CA ASN A 206 6.89 9.40 -30.43
C ASN A 206 6.94 10.78 -29.77
N SER A 207 8.13 11.23 -29.39
CA SER A 207 8.27 12.46 -28.60
C SER A 207 7.80 13.74 -29.31
N ALA A 208 8.22 13.91 -30.57
CA ALA A 208 7.77 15.07 -31.38
C ALA A 208 6.27 15.36 -31.20
N ARG A 209 5.42 14.41 -31.58
CA ARG A 209 3.96 14.58 -31.47
C ARG A 209 3.45 14.62 -30.04
N SER A 210 4.01 13.77 -29.17
CA SER A 210 3.55 13.69 -27.78
C SER A 210 3.83 14.97 -27.02
N LEU A 211 5.02 15.55 -27.26
CA LEU A 211 5.35 16.84 -26.67
C LEU A 211 4.43 17.95 -27.20
N THR A 212 4.28 18.01 -28.52
CA THR A 212 3.38 19.00 -29.19
C THR A 212 1.94 18.89 -28.69
N TRP A 213 1.45 17.67 -28.56
CA TRP A 213 0.08 17.46 -28.07
C TRP A 213 -0.07 17.47 -26.55
N LYS A 214 1.03 17.77 -25.86
CA LYS A 214 1.09 17.80 -24.37
C LYS A 214 0.59 16.51 -23.70
N ILE A 215 0.83 15.40 -24.38
CA ILE A 215 0.70 14.05 -23.82
C ILE A 215 1.89 13.86 -22.90
N LYS A 216 3.07 14.10 -23.45
CA LYS A 216 4.32 14.07 -22.72
C LYS A 216 4.60 15.51 -22.30
N ARG A 217 4.76 15.75 -20.99
CA ARG A 217 5.02 17.08 -20.46
C ARG A 217 6.50 17.34 -20.22
N PHE A 218 7.27 16.27 -20.01
CA PHE A 218 8.74 16.36 -19.94
C PHE A 218 9.39 15.29 -20.81
N THR A 219 10.55 15.59 -21.37
CA THR A 219 11.24 14.64 -22.23
C THR A 219 11.68 13.40 -21.42
N ASN A 220 11.91 12.29 -22.11
CA ASN A 220 12.43 11.09 -21.44
C ASN A 220 13.70 11.41 -20.62
N ASP A 221 14.59 12.20 -21.22
CA ASP A 221 15.89 12.52 -20.61
C ASP A 221 15.72 13.43 -19.39
N GLU A 222 14.82 14.41 -19.51
CA GLU A 222 14.50 15.31 -18.39
C GLU A 222 14.01 14.53 -17.16
N LEU A 223 13.05 13.65 -17.37
CA LEU A 223 12.51 12.82 -16.28
C LEU A 223 13.57 11.91 -15.67
N ARG A 224 14.37 11.28 -16.53
CA ARG A 224 15.46 10.43 -16.07
C ARG A 224 16.48 11.22 -15.22
N GLN A 225 16.79 12.46 -15.64
CA GLN A 225 17.73 13.31 -14.90
C GLN A 225 17.22 13.65 -13.50
N ARG A 226 15.94 14.01 -13.41
CA ARG A 226 15.26 14.29 -12.15
C ARG A 226 15.29 13.05 -11.24
N PHE A 227 15.02 11.88 -11.84
CA PHE A 227 15.07 10.65 -11.06
C PHE A 227 16.45 10.43 -10.48
N VAL A 228 17.48 10.53 -11.31
CA VAL A 228 18.87 10.41 -10.81
C VAL A 228 19.17 11.43 -9.68
N ASP A 229 18.89 12.71 -9.92
CA ASP A 229 19.12 13.75 -8.88
C ASP A 229 18.36 13.46 -7.56
N ASN A 230 17.12 12.99 -7.66
CA ASN A 230 16.33 12.64 -6.47
C ASN A 230 16.78 11.35 -5.78
N THR A 231 17.28 10.39 -6.56
CA THR A 231 17.49 9.05 -6.01
C THR A 231 18.88 8.86 -5.42
N VAL A 232 19.89 9.46 -6.03
CA VAL A 232 21.25 9.33 -5.54
C VAL A 232 21.38 9.65 -4.03
N PRO A 233 20.69 10.69 -3.51
CA PRO A 233 20.73 10.95 -2.05
C PRO A 233 20.07 9.84 -1.21
N GLN A 234 19.06 9.18 -1.78
CA GLN A 234 18.44 8.03 -1.13
C GLN A 234 19.40 6.83 -1.07
N VAL A 235 20.19 6.62 -2.13
CA VAL A 235 21.20 5.54 -2.14
C VAL A 235 22.21 5.79 -1.01
N GLU A 236 22.62 7.05 -0.87
CA GLU A 236 23.55 7.47 0.15
C GLU A 236 22.98 7.28 1.55
N MET A 237 21.69 7.57 1.72
CA MET A 237 21.00 7.34 3.01
C MET A 237 21.07 5.87 3.42
N LEU A 238 21.09 4.98 2.45
CA LEU A 238 21.15 3.53 2.73
C LEU A 238 22.60 3.08 2.94
N GLY A 239 23.56 3.98 2.71
CA GLY A 239 24.99 3.62 2.77
C GLY A 239 25.39 2.67 1.65
N MET A 240 24.69 2.76 0.52
CA MET A 240 24.91 1.88 -0.62
C MET A 240 25.64 2.60 -1.79
N THR A 241 26.01 1.85 -2.83
CA THR A 241 26.63 2.45 -4.03
C THR A 241 25.80 2.19 -5.27
N VAL A 242 26.09 3.00 -6.31
CA VAL A 242 25.48 2.91 -7.64
C VAL A 242 26.49 2.23 -8.57
N PRO A 243 26.06 1.21 -9.37
CA PRO A 243 27.01 0.54 -10.29
C PRO A 243 27.32 1.40 -11.52
N ASP A 244 27.84 2.60 -11.28
CA ASP A 244 28.14 3.55 -12.38
C ASP A 244 29.41 4.33 -12.07
N PRO A 245 30.56 3.89 -12.63
CA PRO A 245 31.86 4.55 -12.53
C PRO A 245 31.89 6.00 -13.00
N ASP A 246 30.94 6.39 -13.85
CA ASP A 246 30.90 7.75 -14.40
C ASP A 246 29.95 8.70 -13.67
N LEU A 247 29.16 8.19 -12.73
CA LEU A 247 28.28 9.06 -11.94
C LEU A 247 29.10 10.06 -11.11
N HIS A 248 28.77 11.33 -11.20
CA HIS A 248 29.43 12.38 -10.39
C HIS A 248 28.59 13.65 -10.33
N PHE A 249 28.76 14.43 -9.28
CA PHE A 249 28.07 15.70 -9.23
C PHE A 249 28.83 16.74 -10.06
N ASP A 250 28.07 17.46 -10.87
CA ASP A 250 28.61 18.52 -11.69
C ASP A 250 28.08 19.85 -11.12
N THR A 251 28.90 20.53 -10.32
CA THR A 251 28.51 21.80 -9.68
C THR A 251 28.16 22.87 -10.72
N GLU A 252 28.86 22.83 -11.85
CA GLU A 252 28.58 23.72 -12.97
C GLU A 252 27.10 23.71 -13.37
N SER A 253 26.53 22.53 -13.53
CA SER A 253 25.14 22.41 -13.98
C SER A 253 24.13 22.21 -12.85
N GLY A 254 24.63 21.86 -11.65
CA GLY A 254 23.76 21.53 -10.51
C GLY A 254 23.10 20.16 -10.65
N HIS A 255 23.62 19.32 -11.52
CA HIS A 255 23.09 17.97 -11.71
C HIS A 255 24.13 16.89 -11.44
N TYR A 256 23.65 15.71 -11.09
CA TYR A 256 24.44 14.50 -11.22
C TYR A 256 24.56 14.13 -12.70
N ARG A 257 25.79 14.04 -13.19
CA ARG A 257 26.04 13.48 -14.51
C ARG A 257 26.27 11.98 -14.33
N PHE A 258 25.68 11.18 -15.20
CA PHE A 258 25.76 9.71 -15.08
C PHE A 258 26.18 9.05 -16.39
N GLY A 259 26.52 7.77 -16.33
CA GLY A 259 27.09 7.10 -17.48
C GLY A 259 26.10 6.73 -18.56
N GLU A 260 26.63 6.21 -19.65
CA GLU A 260 25.81 5.80 -20.78
C GLU A 260 25.01 4.52 -20.50
N ILE A 261 23.73 4.57 -20.84
CA ILE A 261 22.84 3.40 -20.81
C ILE A 261 23.23 2.42 -21.92
N ASP A 262 23.10 1.12 -21.62
CA ASP A 262 23.24 0.08 -22.64
C ASP A 262 21.95 -0.03 -23.49
N TRP A 263 21.94 0.73 -24.59
CA TRP A 263 20.80 0.80 -25.52
C TRP A 263 20.62 -0.47 -26.35
N GLN A 264 21.71 -1.20 -26.58
CA GLN A 264 21.62 -2.52 -27.22
C GLN A 264 20.78 -3.49 -26.35
N GLU A 265 21.08 -3.56 -25.05
CA GLU A 265 20.24 -4.32 -24.13
C GLU A 265 18.80 -3.80 -24.14
N PHE A 266 18.64 -2.48 -24.06
CA PHE A 266 17.29 -1.90 -24.03
C PHE A 266 16.46 -2.39 -25.21
N ASN A 267 17.08 -2.37 -26.38
CA ASN A 267 16.39 -2.76 -27.58
C ASN A 267 16.08 -4.26 -27.68
N GLU A 268 17.02 -5.07 -27.20
CA GLU A 268 16.75 -6.49 -27.00
C GLU A 268 15.53 -6.72 -26.12
N VAL A 269 15.46 -6.00 -24.99
CA VAL A 269 14.41 -6.26 -24.02
C VAL A 269 13.02 -5.87 -24.55
N ILE A 270 12.90 -4.65 -25.07
CA ILE A 270 11.59 -4.17 -25.49
C ILE A 270 11.05 -4.99 -26.66
N ASN A 271 11.95 -5.66 -27.39
CA ASN A 271 11.58 -6.54 -28.51
C ASN A 271 11.48 -8.05 -28.17
N GLY A 272 11.33 -8.36 -26.89
CA GLY A 272 11.01 -9.72 -26.44
C GLY A 272 12.18 -10.62 -26.10
N ARG A 273 13.39 -10.07 -26.06
CA ARG A 273 14.58 -10.89 -25.92
C ARG A 273 15.39 -10.57 -24.65
N GLY A 274 14.69 -10.14 -23.63
CA GLY A 274 15.27 -9.91 -22.32
C GLY A 274 15.25 -11.20 -21.52
N ILE A 275 15.51 -11.07 -20.23
CA ILE A 275 15.73 -12.20 -19.34
C ILE A 275 14.46 -13.01 -19.09
N CYS A 276 13.35 -12.32 -18.82
CA CYS A 276 12.12 -13.01 -18.49
C CYS A 276 10.97 -12.79 -19.44
N ASN A 277 11.17 -12.09 -20.57
CA ASN A 277 10.07 -11.82 -21.51
C ASN A 277 9.23 -13.04 -21.81
N GLN A 278 9.89 -14.13 -22.21
CA GLN A 278 9.17 -15.36 -22.58
C GLN A 278 8.35 -15.91 -21.41
N GLU A 279 8.97 -15.96 -20.22
CA GLU A 279 8.32 -16.42 -19.00
C GLU A 279 7.11 -15.56 -18.61
N ARG A 280 7.25 -14.23 -18.73
CA ARG A 280 6.16 -13.34 -18.35
C ARG A 280 4.95 -13.58 -19.25
N LEU A 281 5.18 -13.62 -20.56
CA LEU A 281 4.09 -13.82 -21.51
C LEU A 281 3.55 -15.24 -21.46
N ASP A 282 4.42 -16.23 -21.24
CA ASP A 282 3.94 -17.61 -21.06
C ASP A 282 2.97 -17.66 -19.88
N ALA A 283 3.36 -17.06 -18.76
CA ALA A 283 2.54 -17.04 -17.56
C ALA A 283 1.17 -16.40 -17.82
N LYS A 284 1.14 -15.20 -18.41
CA LYS A 284 -0.15 -14.57 -18.75
C LYS A 284 -0.94 -15.33 -19.82
N ARG A 285 -0.27 -15.89 -20.81
CA ARG A 285 -0.98 -16.75 -21.77
C ARG A 285 -1.57 -17.98 -21.11
N LYS A 286 -0.80 -18.60 -20.22
CA LYS A 286 -1.30 -19.78 -19.50
C LYS A 286 -2.53 -19.40 -18.67
N ALA A 287 -2.45 -18.31 -17.92
CA ALA A 287 -3.59 -17.84 -17.11
C ALA A 287 -4.84 -17.56 -17.96
N TRP A 288 -4.64 -16.94 -19.11
CA TRP A 288 -5.73 -16.65 -20.03
C TRP A 288 -6.36 -17.94 -20.58
N GLU A 289 -5.55 -18.81 -21.16
CA GLU A 289 -6.04 -20.08 -21.74
C GLU A 289 -6.71 -21.01 -20.71
N GLU A 290 -6.05 -21.21 -19.57
CA GLU A 290 -6.57 -22.09 -18.52
C GLU A 290 -7.77 -21.51 -17.81
N GLY A 291 -7.92 -20.18 -17.88
CA GLY A 291 -9.07 -19.52 -17.28
C GLY A 291 -10.29 -19.46 -18.18
N THR A 292 -10.14 -19.89 -19.43
CA THR A 292 -11.21 -19.77 -20.44
C THR A 292 -12.54 -20.38 -20.00
N TRP A 293 -12.50 -21.60 -19.46
CA TRP A 293 -13.72 -22.26 -18.99
C TRP A 293 -14.42 -21.47 -17.87
N VAL A 294 -13.63 -20.77 -17.06
CA VAL A 294 -14.16 -19.92 -15.98
C VAL A 294 -14.92 -18.70 -16.54
N ARG A 295 -14.31 -18.01 -17.51
CA ARG A 295 -14.95 -16.87 -18.16
C ARG A 295 -16.23 -17.29 -18.90
N GLU A 296 -16.18 -18.44 -19.57
CA GLU A 296 -17.35 -19.00 -20.26
C GLU A 296 -18.46 -19.43 -19.30
N ALA A 297 -18.07 -19.87 -18.11
CA ALA A 297 -19.03 -20.19 -17.06
C ALA A 297 -19.77 -18.95 -16.58
N ALA A 298 -19.02 -17.88 -16.29
CA ALA A 298 -19.57 -16.60 -15.83
C ALA A 298 -20.55 -16.01 -16.85
N LEU A 299 -20.18 -16.09 -18.13
CA LEU A 299 -21.01 -15.57 -19.21
C LEU A 299 -22.31 -16.36 -19.32
N ALA A 300 -22.20 -17.69 -19.31
CA ALA A 300 -23.37 -18.55 -19.39
C ALA A 300 -24.28 -18.44 -18.16
N HIS A 301 -23.71 -18.12 -16.99
CA HIS A 301 -24.52 -17.95 -15.78
C HIS A 301 -25.30 -16.65 -15.83
N ALA A 302 -24.64 -15.58 -16.27
CA ALA A 302 -25.26 -14.26 -16.40
C ALA A 302 -26.51 -14.30 -17.26
N GLN A 303 -26.44 -15.05 -18.36
CA GLN A 303 -27.52 -15.17 -19.31
C GLN A 303 -28.73 -15.91 -18.77
N LYS A 304 -28.51 -16.87 -17.89
CA LYS A 304 -29.61 -17.62 -17.29
C LYS A 304 -30.37 -16.76 -16.29
N SER B 12 0.01 7.51 32.31
CA SER B 12 -1.27 6.77 32.09
C SER B 12 -2.11 7.44 31.02
N ASN B 13 -3.26 7.97 31.41
CA ASN B 13 -4.17 8.67 30.51
C ASN B 13 -3.55 9.95 29.96
N GLN B 14 -2.75 10.61 30.80
CA GLN B 14 -2.08 11.86 30.43
C GLN B 14 -1.05 11.63 29.34
N LEU B 15 -0.22 10.60 29.51
CA LEU B 15 0.79 10.23 28.53
C LEU B 15 0.15 9.76 27.23
N THR B 16 -0.91 8.97 27.35
CA THR B 16 -1.69 8.54 26.20
C THR B 16 -2.20 9.74 25.41
N ALA B 17 -2.86 10.68 26.09
CA ALA B 17 -3.39 11.88 25.46
C ALA B 17 -2.28 12.71 24.79
N TYR B 18 -1.14 12.84 25.46
CA TYR B 18 -0.02 13.62 24.96
C TYR B 18 0.54 13.04 23.67
N THR B 19 0.74 11.72 23.65
CA THR B 19 1.27 11.03 22.48
C THR B 19 0.30 11.12 21.31
N LEU B 20 -0.99 11.02 21.62
CA LEU B 20 -2.05 11.04 20.63
C LEU B 20 -2.15 12.40 19.91
N ARG B 21 -2.04 13.49 20.68
CA ARG B 21 -2.02 14.86 20.15
C ARG B 21 -0.93 15.06 19.10
N LEU B 22 0.29 14.62 19.43
CA LEU B 22 1.44 14.79 18.54
C LEU B 22 1.26 13.99 17.26
N GLY B 23 0.73 12.77 17.38
CA GLY B 23 0.35 11.97 16.22
C GLY B 23 -0.74 12.62 15.37
N ASP B 24 -1.74 13.21 16.03
CA ASP B 24 -2.87 13.85 15.35
C ASP B 24 -2.43 15.02 14.46
N ASN B 25 -1.56 15.88 14.99
CA ASN B 25 -0.92 16.97 14.22
C ASN B 25 -0.33 16.42 12.91
N CYS B 26 0.56 15.44 13.05
CA CYS B 26 1.22 14.83 11.88
C CYS B 26 0.24 14.16 10.92
N LEU B 27 -0.76 13.45 11.47
CA LEU B 27 -1.73 12.74 10.63
C LEU B 27 -2.56 13.69 9.77
N VAL B 28 -3.16 14.69 10.43
CA VAL B 28 -4.03 15.65 9.75
C VAL B 28 -3.26 16.38 8.66
N LEU B 29 -2.07 16.88 9.00
CA LEU B 29 -1.20 17.55 8.03
C LEU B 29 -0.79 16.66 6.86
N SER B 30 -0.46 15.39 7.12
CA SER B 30 -0.13 14.45 6.04
C SER B 30 -1.33 14.28 5.08
N GLN B 31 -2.53 14.24 5.64
CA GLN B 31 -3.74 14.15 4.83
C GLN B 31 -3.91 15.35 3.90
N ARG B 32 -3.71 16.53 4.48
CA ARG B 32 -3.76 17.77 3.72
C ARG B 32 -2.75 17.76 2.59
N LEU B 33 -1.49 17.43 2.91
CA LEU B 33 -0.42 17.40 1.90
C LEU B 33 -0.67 16.37 0.78
N GLY B 34 -1.32 15.25 1.11
CA GLY B 34 -1.72 14.25 0.12
C GLY B 34 -2.73 14.75 -0.91
N GLU B 35 -3.56 15.73 -0.53
CA GLU B 35 -4.50 16.37 -1.48
C GLU B 35 -3.80 17.13 -2.62
N TRP B 36 -2.56 17.54 -2.39
CA TRP B 36 -1.75 18.24 -3.39
C TRP B 36 -1.26 17.33 -4.52
N CYS B 37 -1.34 16.01 -4.32
CA CYS B 37 -0.75 15.08 -5.25
C CYS B 37 -1.34 15.26 -6.66
N GLY B 38 -0.46 15.55 -7.61
CA GLY B 38 -0.86 15.80 -9.01
C GLY B 38 -1.41 17.17 -9.34
N HIS B 39 -1.39 18.09 -8.38
CA HIS B 39 -1.99 19.43 -8.54
C HIS B 39 -1.04 20.58 -8.17
N ALA B 40 0.21 20.26 -7.88
CA ALA B 40 1.19 21.27 -7.46
C ALA B 40 1.68 22.12 -8.65
N PRO B 41 2.19 23.34 -8.39
CA PRO B 41 2.59 24.27 -9.45
C PRO B 41 3.70 23.74 -10.36
N GLU B 42 4.58 22.91 -9.82
CA GLU B 42 5.69 22.34 -10.56
C GLU B 42 5.89 20.86 -10.19
N LEU B 43 6.48 20.09 -11.11
CA LEU B 43 6.80 18.68 -10.86
C LEU B 43 7.61 18.51 -9.57
N GLU B 44 8.71 19.26 -9.46
CA GLU B 44 9.59 19.21 -8.30
C GLU B 44 8.86 19.48 -6.97
N ILE B 45 7.95 20.46 -6.98
CA ILE B 45 7.16 20.79 -5.80
C ILE B 45 6.23 19.61 -5.48
N ASP B 46 5.61 19.05 -6.52
CA ASP B 46 4.67 17.95 -6.37
C ASP B 46 5.33 16.76 -5.65
N LEU B 47 6.53 16.41 -6.09
CA LEU B 47 7.30 15.33 -5.47
C LEU B 47 7.73 15.65 -4.04
N ALA B 48 8.14 16.89 -3.81
CA ALA B 48 8.58 17.31 -2.47
C ALA B 48 7.42 17.31 -1.45
N LEU B 49 6.27 17.83 -1.86
CA LEU B 49 5.10 17.83 -0.98
C LEU B 49 4.66 16.40 -0.63
N ALA B 50 4.66 15.50 -1.62
CA ALA B 50 4.32 14.09 -1.38
C ALA B 50 5.28 13.45 -0.36
N ASN B 51 6.56 13.74 -0.53
CA ASN B 51 7.60 13.26 0.37
C ASN B 51 7.42 13.75 1.80
N ILE B 52 7.09 15.04 1.94
CA ILE B 52 6.86 15.62 3.25
C ILE B 52 5.62 14.98 3.89
N GLY B 53 4.56 14.81 3.10
CA GLY B 53 3.33 14.17 3.60
C GLY B 53 3.59 12.75 4.13
N LEU B 54 4.44 12.02 3.43
CA LEU B 54 4.81 10.65 3.82
C LEU B 54 5.67 10.59 5.08
N ASP B 55 6.59 11.56 5.22
CA ASP B 55 7.38 11.68 6.45
C ASP B 55 6.45 11.84 7.64
N LEU B 56 5.47 12.73 7.48
CA LEU B 56 4.55 13.08 8.56
C LEU B 56 3.60 11.93 8.88
N LEU B 57 3.13 11.25 7.84
CA LEU B 57 2.36 10.02 8.03
C LEU B 57 3.16 8.99 8.83
N GLY B 58 4.45 8.83 8.49
CA GLY B 58 5.35 7.93 9.23
C GLY B 58 5.44 8.33 10.70
N GLN B 59 5.67 9.62 10.94
CA GLN B 59 5.67 10.16 12.31
C GLN B 59 4.33 9.96 13.01
N ALA B 60 3.23 10.17 12.29
CA ALA B 60 1.89 9.97 12.85
C ALA B 60 1.69 8.52 13.28
N ARG B 61 2.10 7.58 12.43
CA ARG B 61 1.94 6.16 12.71
C ARG B 61 2.79 5.70 13.90
N ASN B 62 3.98 6.29 14.06
CA ASN B 62 4.80 6.02 15.24
C ASN B 62 4.11 6.46 16.52
N PHE B 63 3.63 7.71 16.54
CA PHE B 63 2.93 8.24 17.71
C PHE B 63 1.62 7.50 18.01
N LEU B 64 0.84 7.21 16.97
CA LEU B 64 -0.42 6.50 17.14
C LEU B 64 -0.26 5.07 17.69
N SER B 65 0.73 4.32 17.17
CA SER B 65 1.00 2.97 17.67
C SER B 65 1.38 2.96 19.14
N TYR B 66 2.21 3.92 19.54
CA TYR B 66 2.59 4.05 20.94
C TYR B 66 1.38 4.39 21.82
N ALA B 67 0.55 5.32 21.36
CA ALA B 67 -0.69 5.67 22.05
C ALA B 67 -1.66 4.49 22.14
N ALA B 68 -1.65 3.63 21.12
CA ALA B 68 -2.45 2.41 21.11
C ALA B 68 -1.92 1.41 22.13
N GLU B 69 -0.60 1.35 22.27
CA GLU B 69 0.06 0.50 23.26
C GLU B 69 -0.28 0.98 24.66
N LEU B 70 -0.16 2.28 24.89
CA LEU B 70 -0.39 2.87 26.20
C LEU B 70 -1.85 2.72 26.65
N ALA B 71 -2.79 2.92 25.73
CA ALA B 71 -4.21 2.72 26.00
C ALA B 71 -4.56 1.25 26.14
N GLY B 72 -3.68 0.37 25.66
CA GLY B 72 -3.84 -1.08 25.79
C GLY B 72 -4.99 -1.68 24.99
N GLU B 73 -5.53 -0.90 24.04
CA GLU B 73 -6.60 -1.36 23.17
C GLU B 73 -6.50 -0.67 21.80
N GLY B 74 -7.19 -1.24 20.80
CA GLY B 74 -7.15 -0.74 19.43
C GLY B 74 -5.77 -0.75 18.84
N ASP B 75 -5.59 -0.03 17.74
CA ASP B 75 -4.28 0.08 17.10
C ASP B 75 -4.12 1.34 16.26
N GLU B 76 -2.96 1.40 15.61
CA GLU B 76 -2.61 2.36 14.57
C GLU B 76 -3.77 2.76 13.65
N ASP B 77 -4.52 1.76 13.17
CA ASP B 77 -5.59 1.95 12.19
C ASP B 77 -6.90 2.41 12.79
N THR B 78 -7.24 1.88 13.96
CA THR B 78 -8.47 2.29 14.65
C THR B 78 -8.38 3.77 15.01
N LEU B 79 -7.22 4.18 15.51
CA LEU B 79 -6.97 5.57 15.90
C LEU B 79 -7.01 6.51 14.72
N ALA B 80 -6.45 6.08 13.59
CA ALA B 80 -6.39 6.93 12.42
C ALA B 80 -7.73 7.03 11.71
N PHE B 81 -8.47 5.91 11.70
CA PHE B 81 -9.62 5.78 10.80
C PHE B 81 -11.00 5.73 11.46
N THR B 82 -11.08 5.39 12.74
CA THR B 82 -12.41 5.23 13.37
C THR B 82 -12.83 6.33 14.36
N ARG B 83 -11.99 7.35 14.51
CA ARG B 83 -12.35 8.50 15.36
C ARG B 83 -13.02 9.61 14.57
N ASP B 84 -14.04 10.23 15.15
CA ASP B 84 -14.59 11.44 14.56
C ASP B 84 -13.92 12.66 15.16
N GLU B 85 -14.25 13.85 14.65
CA GLU B 85 -13.48 15.08 14.94
C GLU B 85 -13.36 15.44 16.42
N ARG B 86 -14.39 15.15 17.20
CA ARG B 86 -14.35 15.49 18.62
C ARG B 86 -13.31 14.69 19.39
N GLN B 87 -12.92 13.54 18.82
CA GLN B 87 -11.87 12.70 19.39
C GLN B 87 -10.48 13.05 18.88
N PHE B 88 -10.43 13.89 17.84
CA PHE B 88 -9.15 14.39 17.35
C PHE B 88 -8.64 15.56 18.18
N SER B 89 -7.33 15.57 18.44
CA SER B 89 -6.75 16.58 19.32
C SER B 89 -5.59 17.36 18.67
N ASN B 90 -5.59 17.42 17.34
CA ASN B 90 -4.58 18.16 16.57
C ASN B 90 -4.70 19.67 16.76
N LEU B 91 -3.58 20.37 16.58
CA LEU B 91 -3.54 21.84 16.49
C LEU B 91 -4.41 22.31 15.34
N LEU B 92 -5.09 23.45 15.54
CA LEU B 92 -6.03 23.97 14.55
C LEU B 92 -5.35 24.34 13.24
N LEU B 93 -4.08 24.70 13.34
CA LEU B 93 -3.27 25.11 12.21
C LEU B 93 -3.16 24.02 11.14
N VAL B 94 -3.03 22.76 11.55
CA VAL B 94 -2.81 21.68 10.57
C VAL B 94 -4.08 21.32 9.77
N GLU B 95 -5.26 21.59 10.34
CA GLU B 95 -6.52 21.26 9.68
C GLU B 95 -7.00 22.32 8.66
N GLN B 96 -6.32 23.46 8.59
CA GLN B 96 -6.67 24.50 7.60
C GLN B 96 -6.58 23.97 6.15
N PRO B 97 -7.48 24.45 5.27
CA PRO B 97 -7.44 23.99 3.88
C PRO B 97 -6.12 24.36 3.21
N ASN B 98 -5.74 23.57 2.21
CA ASN B 98 -4.52 23.81 1.46
C ASN B 98 -4.49 25.20 0.82
N GLY B 99 -5.66 25.64 0.35
CA GLY B 99 -5.80 26.92 -0.37
C GLY B 99 -4.93 26.93 -1.61
N ASN B 100 -4.25 28.05 -1.82
CA ASN B 100 -3.29 28.15 -2.92
C ASN B 100 -1.91 27.77 -2.39
N PHE B 101 -0.92 27.73 -3.28
CA PHE B 101 0.40 27.26 -2.88
C PHE B 101 0.95 28.03 -1.69
N ALA B 102 0.71 29.35 -1.68
CA ALA B 102 1.12 30.23 -0.60
C ALA B 102 0.52 29.85 0.75
N ASP B 103 -0.79 29.57 0.78
CA ASP B 103 -1.50 29.19 2.03
C ASP B 103 -0.90 27.92 2.61
N THR B 104 -0.63 26.97 1.71
CA THR B 104 0.05 25.74 2.06
C THR B 104 1.47 25.97 2.59
N ILE B 105 2.23 26.85 1.94
CA ILE B 105 3.60 27.17 2.37
C ILE B 105 3.64 27.85 3.76
N ALA B 106 2.74 28.79 4.02
CA ALA B 106 2.62 29.42 5.34
C ALA B 106 2.29 28.39 6.46
N ARG B 107 1.25 27.57 6.25
CA ARG B 107 0.90 26.52 7.21
C ARG B 107 2.12 25.62 7.49
N GLN B 108 2.79 25.18 6.43
CA GLN B 108 3.96 24.30 6.55
C GLN B 108 5.10 24.94 7.34
N TYR B 109 5.41 26.20 7.01
CA TYR B 109 6.52 26.90 7.65
C TYR B 109 6.29 27.03 9.14
N PHE B 110 5.10 27.49 9.51
CA PHE B 110 4.72 27.66 10.91
C PHE B 110 4.82 26.34 11.70
N ILE B 111 4.39 25.25 11.09
CA ILE B 111 4.47 23.94 11.73
C ILE B 111 5.90 23.32 11.75
N ASP B 112 6.66 23.52 10.67
CA ASP B 112 8.04 23.05 10.59
C ASP B 112 8.92 23.71 11.63
N ALA B 113 8.78 25.03 11.75
CA ALA B 113 9.51 25.78 12.78
C ALA B 113 9.16 25.22 14.16
N TRP B 114 7.89 24.88 14.36
CA TRP B 114 7.42 24.31 15.63
C TRP B 114 7.98 22.90 15.86
N HIS B 115 7.91 22.05 14.84
CA HIS B 115 8.45 20.68 14.91
C HIS B 115 9.95 20.64 15.20
N VAL B 116 10.72 21.50 14.53
CA VAL B 116 12.18 21.54 14.75
C VAL B 116 12.49 21.83 16.22
N ALA B 117 11.83 22.85 16.77
CA ALA B 117 12.02 23.24 18.18
C ALA B 117 11.57 22.15 19.15
N LEU B 118 10.46 21.48 18.82
CA LEU B 118 9.86 20.48 19.69
C LEU B 118 10.64 19.16 19.76
N PHE B 119 10.94 18.60 18.58
CA PHE B 119 11.61 17.29 18.52
C PHE B 119 13.06 17.37 18.96
N THR B 120 13.69 18.53 18.78
CA THR B 120 15.03 18.77 19.32
C THR B 120 14.99 18.59 20.83
N ARG B 121 13.95 19.13 21.46
CA ARG B 121 13.79 19.02 22.91
C ARG B 121 13.24 17.67 23.34
N LEU B 122 12.25 17.15 22.61
CA LEU B 122 11.57 15.90 22.98
C LEU B 122 12.44 14.64 22.87
N MET B 123 13.53 14.71 22.09
CA MET B 123 14.47 13.59 22.05
C MET B 123 15.37 13.53 23.29
N GLU B 124 15.03 14.34 24.29
CA GLU B 124 15.63 14.28 25.63
C GLU B 124 14.61 13.79 26.67
N SER B 125 13.45 13.34 26.20
CA SER B 125 12.38 12.86 27.09
C SER B 125 12.85 11.72 28.00
N ARG B 126 12.22 11.61 29.16
CA ARG B 126 12.45 10.50 30.06
C ARG B 126 11.70 9.24 29.63
N ASP B 127 10.77 9.42 28.70
CA ASP B 127 10.11 8.28 28.07
C ASP B 127 10.93 7.85 26.85
N PRO B 128 11.51 6.63 26.91
CA PRO B 128 12.40 6.15 25.84
C PRO B 128 11.75 6.10 24.47
N GLN B 129 10.50 5.65 24.40
CA GLN B 129 9.77 5.57 23.14
C GLN B 129 9.55 6.95 22.52
N LEU B 130 9.21 7.94 23.34
CA LEU B 130 9.01 9.32 22.86
C LEU B 130 10.33 9.93 22.39
N ALA B 131 11.42 9.61 23.09
CA ALA B 131 12.76 10.05 22.69
C ALA B 131 13.18 9.42 21.36
N ALA B 132 12.84 8.14 21.18
CA ALA B 132 13.14 7.40 19.96
C ALA B 132 12.38 7.96 18.76
N ILE B 133 11.08 8.17 18.93
CA ILE B 133 10.23 8.75 17.87
C ILE B 133 10.75 10.13 17.45
N SER B 134 11.07 10.97 18.44
CA SER B 134 11.58 12.32 18.18
C SER B 134 12.91 12.30 17.46
N ALA B 135 13.77 11.35 17.83
CA ALA B 135 15.09 11.18 17.20
C ALA B 135 14.95 10.98 15.69
N LYS B 136 13.97 10.19 15.27
CA LYS B 136 13.70 10.00 13.85
C LYS B 136 12.99 11.20 13.22
N ALA B 137 12.06 11.80 13.98
CA ALA B 137 11.27 12.92 13.50
C ALA B 137 12.12 14.15 13.19
N ILE B 138 13.09 14.44 14.05
CA ILE B 138 13.91 15.65 13.91
C ILE B 138 14.72 15.69 12.60
N LYS B 139 15.18 14.53 12.15
CA LYS B 139 15.91 14.43 10.88
C LYS B 139 15.02 14.89 9.73
N GLU B 140 13.74 14.52 9.77
CA GLU B 140 12.80 14.89 8.74
C GLU B 140 12.35 16.36 8.87
N ALA B 141 11.98 16.78 10.07
CA ALA B 141 11.51 18.16 10.32
C ALA B 141 12.48 19.24 9.83
N ARG B 142 13.78 19.00 9.99
CA ARG B 142 14.83 19.90 9.52
C ARG B 142 14.76 20.12 8.00
N TYR B 143 14.64 19.03 7.25
CA TYR B 143 14.43 19.10 5.80
C TYR B 143 13.15 19.85 5.48
N HIS B 144 12.09 19.57 6.23
CA HIS B 144 10.82 20.28 6.04
C HIS B 144 11.01 21.80 6.17
N LEU B 145 11.73 22.22 7.21
CA LEU B 145 11.94 23.66 7.46
C LEU B 145 12.68 24.32 6.31
N ARG B 146 13.75 23.67 5.84
CA ARG B 146 14.49 24.16 4.67
C ARG B 146 13.55 24.43 3.49
N PHE B 147 12.73 23.44 3.18
CA PHE B 147 11.80 23.50 2.06
C PHE B 147 10.79 24.66 2.20
N SER B 148 10.16 24.75 3.38
CA SER B 148 9.08 25.71 3.61
C SER B 148 9.59 27.15 3.71
N ARG B 149 10.70 27.35 4.42
CA ARG B 149 11.33 28.67 4.55
C ARG B 149 11.79 29.15 3.18
N GLY B 150 12.39 28.24 2.42
CA GLY B 150 12.86 28.50 1.06
C GLY B 150 11.77 29.00 0.14
N TRP B 151 10.62 28.32 0.17
CA TRP B 151 9.48 28.72 -0.65
C TRP B 151 8.82 30.01 -0.18
N LEU B 152 8.82 30.22 1.14
CA LEU B 152 8.39 31.49 1.71
C LEU B 152 9.21 32.66 1.12
N GLU B 153 10.54 32.54 1.15
CA GLU B 153 11.41 33.58 0.60
C GLU B 153 11.10 33.78 -0.89
N ARG B 154 11.10 32.69 -1.66
CA ARG B 154 10.87 32.74 -3.10
C ARG B 154 9.53 33.38 -3.47
N LEU B 155 8.47 33.02 -2.74
CA LEU B 155 7.14 33.58 -3.01
C LEU B 155 7.05 35.06 -2.61
N GLY B 156 7.71 35.41 -1.51
CA GLY B 156 7.74 36.79 -1.03
C GLY B 156 8.45 37.73 -1.99
N ASN B 157 9.59 37.28 -2.50
CA ASN B 157 10.42 38.05 -3.44
C ASN B 157 10.05 37.88 -4.91
N GLY B 158 8.79 37.53 -5.17
CA GLY B 158 8.35 37.23 -6.53
C GLY B 158 7.48 38.27 -7.19
N THR B 159 6.51 37.79 -7.95
CA THR B 159 5.78 38.58 -8.94
C THR B 159 4.85 39.71 -8.44
N ASP B 160 5.01 40.12 -7.18
CA ASP B 160 4.15 41.15 -6.58
C ASP B 160 2.76 40.58 -6.29
N VAL B 161 2.16 39.96 -7.30
CA VAL B 161 0.97 39.14 -7.14
C VAL B 161 1.33 38.04 -6.15
N SER B 162 2.52 37.46 -6.35
CA SER B 162 3.07 36.43 -5.48
C SER B 162 3.23 36.91 -4.05
N GLY B 163 3.78 38.12 -3.89
CA GLY B 163 4.01 38.72 -2.57
C GLY B 163 2.72 38.95 -1.80
N GLN B 164 1.72 39.49 -2.48
CA GLN B 164 0.38 39.70 -1.91
C GLN B 164 -0.25 38.39 -1.41
N LYS B 165 -0.20 37.35 -2.26
CA LYS B 165 -0.71 36.01 -1.90
C LYS B 165 0.02 35.45 -0.68
N MET B 166 1.35 35.56 -0.67
CA MET B 166 2.14 35.09 0.46
C MET B 166 1.80 35.83 1.74
N GLN B 167 1.66 37.16 1.66
CA GLN B 167 1.28 37.98 2.80
C GLN B 167 -0.12 37.63 3.30
N GLN B 168 -1.06 37.48 2.37
CA GLN B 168 -2.43 37.11 2.74
C GLN B 168 -2.48 35.73 3.43
N ALA B 169 -1.64 34.81 2.96
CA ALA B 169 -1.53 33.48 3.57
C ALA B 169 -1.11 33.57 5.03
N ILE B 170 -0.04 34.31 5.30
CA ILE B 170 0.46 34.53 6.66
C ILE B 170 -0.59 35.23 7.54
N ASN B 171 -1.27 36.22 6.97
CA ASN B 171 -2.33 36.96 7.67
C ASN B 171 -3.51 36.08 8.11
N LYS B 172 -3.99 35.23 7.19
CA LYS B 172 -5.08 34.31 7.48
C LYS B 172 -4.74 33.31 8.59
N LEU B 173 -3.50 32.83 8.60
CA LEU B 173 -3.10 31.74 9.48
C LEU B 173 -2.56 32.18 10.83
N TRP B 174 -2.28 33.48 10.97
CA TRP B 174 -1.65 33.98 12.19
C TRP B 174 -2.48 33.68 13.45
N ARG B 175 -3.79 33.69 13.32
CA ARG B 175 -4.71 33.48 14.45
C ARG B 175 -4.54 32.11 15.11
N PHE B 176 -3.95 31.17 14.37
CA PHE B 176 -3.76 29.79 14.85
C PHE B 176 -2.40 29.55 15.52
N THR B 177 -1.60 30.60 15.64
CA THR B 177 -0.20 30.47 16.09
C THR B 177 0.00 30.46 17.62
N ALA B 178 -0.92 31.06 18.37
CA ALA B 178 -0.82 31.09 19.84
C ALA B 178 -0.97 29.70 20.46
N GLU B 179 -1.84 28.87 19.88
CA GLU B 179 -2.08 27.49 20.34
C GLU B 179 -0.82 26.61 20.36
N LEU B 180 0.17 26.96 19.53
CA LEU B 180 1.45 26.26 19.51
C LEU B 180 2.18 26.34 20.84
N PHE B 181 1.91 27.40 21.60
CA PHE B 181 2.67 27.68 22.81
C PHE B 181 1.82 27.61 24.05
N ASP B 182 0.59 27.14 23.85
CA ASP B 182 -0.36 26.93 24.91
C ASP B 182 -0.02 25.66 25.68
N ALA B 183 -0.05 25.74 27.01
CA ALA B 183 0.17 24.57 27.86
C ALA B 183 -1.03 24.27 28.75
N ASP B 184 -1.57 23.06 28.64
CA ASP B 184 -2.67 22.61 29.49
C ASP B 184 -2.13 21.75 30.63
N GLU B 185 -3.05 21.17 31.42
CA GLU B 185 -2.68 20.39 32.61
C GLU B 185 -1.77 19.21 32.28
N ILE B 186 -2.09 18.51 31.20
CA ILE B 186 -1.31 17.38 30.72
C ILE B 186 0.13 17.81 30.38
N ASP B 187 0.28 18.89 29.60
CA ASP B 187 1.59 19.45 29.28
C ASP B 187 2.41 19.73 30.54
N ILE B 188 1.82 20.48 31.48
CA ILE B 188 2.50 20.88 32.72
C ILE B 188 2.91 19.66 33.55
N ALA B 189 1.98 18.72 33.74
CA ALA B 189 2.22 17.51 34.54
C ALA B 189 3.40 16.68 34.03
N LEU B 190 3.32 16.28 32.75
CA LEU B 190 4.36 15.48 32.12
C LEU B 190 5.67 16.24 31.92
N SER B 191 5.59 17.57 31.79
CA SER B 191 6.78 18.44 31.73
C SER B 191 7.64 18.36 32.98
N GLU B 192 7.03 18.58 34.14
CA GLU B 192 7.77 18.53 35.41
C GLU B 192 8.11 17.09 35.82
N GLU B 193 7.78 16.14 34.93
CA GLU B 193 8.25 14.77 35.05
C GLU B 193 9.40 14.48 34.07
N GLY B 194 9.76 15.48 33.26
CA GLY B 194 10.80 15.34 32.25
C GLY B 194 10.39 14.56 31.03
N ILE B 195 9.11 14.20 30.95
CA ILE B 195 8.58 13.42 29.82
C ILE B 195 8.14 14.29 28.65
N ALA B 196 7.33 15.32 28.91
CA ALA B 196 6.81 16.20 27.86
C ALA B 196 7.55 17.52 27.78
N VAL B 197 7.49 18.16 26.60
CA VAL B 197 8.04 19.50 26.42
C VAL B 197 6.95 20.55 26.72
N ASP B 198 7.28 21.51 27.57
CA ASP B 198 6.41 22.64 27.88
C ASP B 198 6.34 23.62 26.68
N PRO B 199 5.17 23.69 26.00
CA PRO B 199 5.06 24.46 24.75
C PRO B 199 5.34 25.96 24.90
N ARG B 200 5.15 26.48 26.11
CA ARG B 200 5.48 27.87 26.41
C ARG B 200 6.95 28.15 26.19
N THR B 201 7.79 27.15 26.48
CA THR B 201 9.23 27.28 26.32
C THR B 201 9.67 27.28 24.85
N LEU B 202 8.75 26.90 23.96
CA LEU B 202 9.07 26.82 22.53
C LEU B 202 8.91 28.15 21.81
N ARG B 203 8.26 29.12 22.46
CA ARG B 203 7.93 30.39 21.83
C ARG B 203 9.16 31.18 21.33
N ALA B 204 10.16 31.32 22.19
CA ALA B 204 11.37 32.07 21.83
C ALA B 204 12.01 31.54 20.54
N ALA B 205 12.25 30.24 20.49
CA ALA B 205 12.88 29.60 19.33
C ALA B 205 12.03 29.71 18.06
N TRP B 206 10.72 29.64 18.22
CA TRP B 206 9.82 29.72 17.08
C TRP B 206 9.76 31.13 16.49
N GLU B 207 9.68 32.15 17.35
CA GLU B 207 9.63 33.52 16.90
C GLU B 207 10.95 33.96 16.26
N ALA B 208 12.06 33.55 16.88
CA ALA B 208 13.41 33.76 16.32
C ALA B 208 13.48 33.30 14.87
N GLU B 209 12.95 32.11 14.60
CA GLU B 209 12.92 31.56 13.25
C GLU B 209 11.91 32.30 12.35
N VAL B 210 10.66 32.35 12.81
CA VAL B 210 9.55 32.77 11.95
C VAL B 210 9.56 34.27 11.60
N PHE B 211 9.83 35.12 12.59
CA PHE B 211 9.91 36.57 12.32
C PHE B 211 11.00 36.83 11.29
N ALA B 212 12.19 36.23 11.51
CA ALA B 212 13.31 36.36 10.57
C ALA B 212 12.93 35.94 9.14
N GLY B 213 12.25 34.80 9.00
CA GLY B 213 11.87 34.27 7.70
C GLY B 213 10.80 35.11 7.00
N ILE B 214 9.84 35.62 7.77
CA ILE B 214 8.78 36.48 7.22
C ILE B 214 9.34 37.80 6.63
N ASN B 215 10.21 38.46 7.38
CA ASN B 215 10.84 39.71 6.93
C ASN B 215 11.79 39.49 5.76
N GLU B 216 12.53 38.38 5.82
CA GLU B 216 13.47 37.98 4.77
C GLU B 216 12.77 37.75 3.42
N ALA B 217 11.46 37.49 3.47
CA ALA B 217 10.64 37.39 2.28
C ALA B 217 10.08 38.75 1.83
N THR B 218 10.58 39.82 2.45
CA THR B 218 10.09 41.21 2.28
C THR B 218 8.65 41.40 2.79
N LEU B 219 8.23 40.54 3.71
CA LEU B 219 6.86 40.56 4.21
C LEU B 219 6.76 40.96 5.67
N ASN B 220 5.52 41.26 6.10
CA ASN B 220 5.26 41.80 7.44
C ASN B 220 4.73 40.77 8.42
N VAL B 221 5.31 40.77 9.62
CA VAL B 221 4.79 40.00 10.74
C VAL B 221 3.48 40.65 11.17
N PRO B 222 2.39 39.87 11.20
CA PRO B 222 1.12 40.45 11.60
C PRO B 222 1.09 40.76 13.10
N GLN B 223 0.21 41.66 13.49
CA GLN B 223 -0.13 41.87 14.89
C GLN B 223 -1.37 42.75 14.90
N GLU B 224 -2.58 42.19 15.09
CA GLU B 224 -2.89 40.76 15.34
C GLU B 224 -3.05 40.41 16.81
N GLN B 225 -4.26 40.65 17.32
CA GLN B 225 -4.62 40.26 18.67
C GLN B 225 -5.31 38.88 18.65
N ALA B 226 -6.58 38.85 18.23
CA ALA B 226 -7.46 37.68 18.41
C ALA B 226 -6.90 36.33 17.94
N TYR B 227 -6.82 35.38 18.87
CA TYR B 227 -6.27 34.05 18.60
C TYR B 227 -7.32 32.95 18.74
N ARG B 228 -7.12 31.87 17.98
CA ARG B 228 -8.02 30.71 18.02
C ARG B 228 -7.35 29.53 18.73
N THR B 229 -8.11 28.88 19.60
CA THR B 229 -7.64 27.75 20.39
C THR B 229 -8.73 26.68 20.55
N GLY B 230 -8.37 25.49 20.98
CA GLY B 230 -9.35 24.44 21.27
C GLY B 230 -9.14 23.10 20.57
N GLY B 231 -8.21 23.06 19.63
CA GLY B 231 -7.92 21.84 18.88
C GLY B 231 -7.57 20.67 19.80
N LYS B 232 -6.69 20.95 20.77
CA LYS B 232 -6.23 19.95 21.75
C LYS B 232 -7.38 19.44 22.64
N LYS B 233 -8.47 20.20 22.69
CA LYS B 233 -9.65 19.86 23.48
C LYS B 233 -10.80 19.26 22.67
N GLY B 234 -10.54 18.94 21.40
CA GLY B 234 -11.56 18.35 20.54
C GLY B 234 -12.53 19.39 19.98
N LEU B 235 -12.09 20.64 19.93
CA LEU B 235 -12.93 21.74 19.45
C LEU B 235 -12.32 22.35 18.20
N HIS B 236 -12.87 21.98 17.04
CA HIS B 236 -12.23 22.28 15.79
C HIS B 236 -12.93 23.37 14.97
N THR B 237 -12.24 23.85 13.95
CA THR B 237 -12.85 24.72 12.95
C THR B 237 -13.81 23.87 12.10
N GLU B 238 -14.52 24.51 11.18
CA GLU B 238 -15.40 23.83 10.22
C GLU B 238 -14.69 22.88 9.24
N HIS B 239 -13.35 22.87 9.22
CA HIS B 239 -12.61 22.09 8.22
C HIS B 239 -12.37 20.61 8.53
N LEU B 240 -12.20 20.27 9.80
CA LEU B 240 -11.84 18.90 10.18
C LEU B 240 -12.92 17.86 9.91
N GLY B 241 -14.15 18.13 10.34
CA GLY B 241 -15.28 17.24 10.06
C GLY B 241 -15.32 16.75 8.62
N PRO B 242 -15.40 17.68 7.65
CA PRO B 242 -15.44 17.31 6.24
C PRO B 242 -14.21 16.51 5.77
N MET B 243 -13.02 16.88 6.23
CA MET B 243 -11.81 16.14 5.85
C MET B 243 -11.82 14.70 6.38
N LEU B 244 -12.30 14.50 7.61
CA LEU B 244 -12.41 13.16 8.18
C LEU B 244 -13.44 12.29 7.47
N ALA B 245 -14.57 12.90 7.09
CA ALA B 245 -15.62 12.20 6.35
C ALA B 245 -15.05 11.59 5.07
N GLU B 246 -14.22 12.36 4.37
CA GLU B 246 -13.61 11.90 3.13
C GLU B 246 -12.49 10.88 3.35
N MET B 247 -11.69 11.05 4.39
CA MET B 247 -10.70 10.06 4.82
C MET B 247 -11.40 8.79 5.39
N GLN B 248 -12.45 8.33 4.70
CA GLN B 248 -13.20 7.15 5.12
C GLN B 248 -13.93 6.52 3.95
N SER C 12 -3.82 -21.91 30.41
CA SER C 12 -3.11 -21.01 29.47
C SER C 12 -2.60 -21.80 28.29
N ASN C 13 -2.02 -22.98 28.56
CA ASN C 13 -1.53 -23.86 27.49
C ASN C 13 -2.61 -24.24 26.48
N GLN C 14 -3.82 -24.51 26.97
CA GLN C 14 -4.94 -24.83 26.09
C GLN C 14 -5.35 -23.63 25.24
N LEU C 15 -5.49 -22.47 25.90
CA LEU C 15 -5.88 -21.23 25.24
C LEU C 15 -4.86 -20.83 24.16
N THR C 16 -3.58 -20.98 24.48
CA THR C 16 -2.50 -20.72 23.54
C THR C 16 -2.64 -21.61 22.30
N ALA C 17 -2.85 -22.91 22.50
CA ALA C 17 -2.97 -23.89 21.40
C ALA C 17 -4.20 -23.63 20.54
N TYR C 18 -5.30 -23.26 21.20
CA TYR C 18 -6.55 -22.99 20.50
C TYR C 18 -6.39 -21.76 19.58
N THR C 19 -5.74 -20.73 20.11
CA THR C 19 -5.54 -19.47 19.40
C THR C 19 -4.64 -19.73 18.21
N LEU C 20 -3.61 -20.53 18.44
CA LEU C 20 -2.64 -20.89 17.41
C LEU C 20 -3.25 -21.65 16.24
N ARG C 21 -4.25 -22.49 16.53
CA ARG C 21 -4.96 -23.26 15.50
C ARG C 21 -5.66 -22.31 14.55
N LEU C 22 -6.34 -21.34 15.12
CA LEU C 22 -7.10 -20.40 14.30
C LEU C 22 -6.15 -19.56 13.47
N GLY C 23 -5.02 -19.18 14.06
CA GLY C 23 -4.00 -18.41 13.35
C GLY C 23 -3.43 -19.22 12.21
N ASP C 24 -3.10 -20.48 12.50
CA ASP C 24 -2.50 -21.37 11.49
C ASP C 24 -3.45 -21.63 10.34
N ASN C 25 -4.74 -21.80 10.63
CA ASN C 25 -5.73 -21.96 9.54
C ASN C 25 -5.61 -20.83 8.53
N CYS C 26 -5.59 -19.59 9.06
CA CYS C 26 -5.57 -18.38 8.20
C CYS C 26 -4.24 -18.19 7.48
N LEU C 27 -3.15 -18.44 8.19
CA LEU C 27 -1.80 -18.32 7.63
C LEU C 27 -1.62 -19.24 6.44
N VAL C 28 -1.97 -20.51 6.63
CA VAL C 28 -1.75 -21.49 5.59
C VAL C 28 -2.66 -21.24 4.40
N LEU C 29 -3.92 -20.92 4.63
CA LEU C 29 -4.79 -20.61 3.50
C LEU C 29 -4.34 -19.35 2.73
N SER C 30 -3.89 -18.34 3.47
CA SER C 30 -3.27 -17.14 2.88
C SER C 30 -2.10 -17.49 1.96
N GLN C 31 -1.22 -18.39 2.42
CA GLN C 31 -0.12 -18.87 1.57
C GLN C 31 -0.62 -19.44 0.24
N ARG C 32 -1.63 -20.30 0.30
CA ARG C 32 -2.19 -20.89 -0.93
C ARG C 32 -2.74 -19.83 -1.89
N LEU C 33 -3.50 -18.89 -1.34
CA LEU C 33 -4.03 -17.79 -2.17
C LEU C 33 -2.96 -16.93 -2.84
N GLY C 34 -1.86 -16.68 -2.12
CA GLY C 34 -0.72 -15.94 -2.66
C GLY C 34 -0.11 -16.54 -3.92
N GLU C 35 -0.20 -17.87 -4.06
CA GLU C 35 0.33 -18.56 -5.24
C GLU C 35 -0.46 -18.19 -6.49
N TRP C 36 -1.71 -17.75 -6.32
CA TRP C 36 -2.57 -17.41 -7.47
C TRP C 36 -2.23 -16.08 -8.15
N CYS C 37 -1.43 -15.27 -7.48
CA CYS C 37 -1.15 -13.89 -7.89
C CYS C 37 -0.59 -13.79 -9.30
N GLY C 38 -1.38 -13.24 -10.20
CA GLY C 38 -0.96 -13.08 -11.59
C GLY C 38 -1.39 -14.24 -12.47
N HIS C 39 -2.09 -15.22 -11.90
CA HIS C 39 -2.41 -16.45 -12.62
C HIS C 39 -3.91 -16.70 -12.78
N ALA C 40 -4.73 -15.74 -12.32
CA ALA C 40 -6.20 -15.90 -12.31
C ALA C 40 -6.83 -15.83 -13.69
N PRO C 41 -8.06 -16.34 -13.83
CA PRO C 41 -8.75 -16.28 -15.12
C PRO C 41 -9.08 -14.84 -15.58
N GLU C 42 -9.19 -13.88 -14.66
CA GLU C 42 -9.52 -12.47 -14.96
C GLU C 42 -8.75 -11.61 -13.97
N LEU C 43 -8.38 -10.41 -14.41
CA LEU C 43 -7.78 -9.40 -13.53
C LEU C 43 -8.62 -9.16 -12.27
N GLU C 44 -9.94 -9.10 -12.43
CA GLU C 44 -10.87 -8.96 -11.30
C GLU C 44 -10.75 -10.09 -10.27
N ILE C 45 -10.53 -11.32 -10.74
CA ILE C 45 -10.32 -12.45 -9.84
C ILE C 45 -8.95 -12.33 -9.14
N ASP C 46 -7.91 -11.96 -9.87
CA ASP C 46 -6.59 -11.73 -9.25
C ASP C 46 -6.71 -10.74 -8.09
N LEU C 47 -7.43 -9.65 -8.34
CA LEU C 47 -7.68 -8.64 -7.33
C LEU C 47 -8.36 -9.26 -6.09
N ALA C 48 -9.47 -9.97 -6.35
CA ALA C 48 -10.26 -10.61 -5.31
C ALA C 48 -9.47 -11.62 -4.45
N LEU C 49 -8.62 -12.42 -5.08
CA LEU C 49 -7.86 -13.45 -4.34
C LEU C 49 -6.76 -12.80 -3.50
N ALA C 50 -6.14 -11.74 -4.04
CA ALA C 50 -5.09 -11.05 -3.27
C ALA C 50 -5.71 -10.40 -2.03
N ASN C 51 -6.91 -9.84 -2.21
CA ASN C 51 -7.68 -9.22 -1.15
C ASN C 51 -8.06 -10.21 -0.03
N ILE C 52 -8.53 -11.38 -0.44
CA ILE C 52 -8.91 -12.41 0.51
C ILE C 52 -7.66 -12.88 1.23
N GLY C 53 -6.60 -13.14 0.48
CA GLY C 53 -5.34 -13.59 1.08
C GLY C 53 -4.80 -12.56 2.06
N LEU C 54 -4.96 -11.27 1.73
CA LEU C 54 -4.53 -10.22 2.64
C LEU C 54 -5.36 -10.19 3.94
N ASP C 55 -6.68 -10.31 3.82
CA ASP C 55 -7.55 -10.35 5.03
C ASP C 55 -7.12 -11.51 5.95
N LEU C 56 -7.02 -12.70 5.36
CA LEU C 56 -6.66 -13.91 6.08
C LEU C 56 -5.28 -13.78 6.72
N LEU C 57 -4.34 -13.19 6.01
CA LEU C 57 -3.01 -12.92 6.59
C LEU C 57 -3.12 -11.99 7.80
N GLY C 58 -3.96 -10.96 7.70
CA GLY C 58 -4.23 -10.03 8.81
C GLY C 58 -4.75 -10.75 10.04
N GLN C 59 -5.69 -11.67 9.82
CA GLN C 59 -6.26 -12.51 10.86
C GLN C 59 -5.20 -13.40 11.49
N ALA C 60 -4.35 -13.99 10.67
CA ALA C 60 -3.25 -14.84 11.14
C ALA C 60 -2.33 -14.02 12.06
N ARG C 61 -2.01 -12.78 11.65
CA ARG C 61 -1.14 -11.95 12.44
C ARG C 61 -1.76 -11.63 13.79
N ASN C 62 -3.07 -11.38 13.80
CA ASN C 62 -3.82 -11.16 15.03
C ASN C 62 -3.80 -12.36 15.97
N PHE C 63 -4.19 -13.53 15.46
CA PHE C 63 -4.21 -14.75 16.27
C PHE C 63 -2.80 -15.13 16.74
N LEU C 64 -1.84 -15.16 15.82
CA LEU C 64 -0.46 -15.53 16.17
C LEU C 64 0.16 -14.59 17.20
N SER C 65 -0.08 -13.28 17.03
CA SER C 65 0.41 -12.29 18.00
C SER C 65 -0.12 -12.56 19.40
N TYR C 66 -1.42 -12.83 19.48
CA TYR C 66 -2.04 -13.13 20.75
C TYR C 66 -1.47 -14.45 21.33
N ALA C 67 -1.25 -15.44 20.46
CA ALA C 67 -0.69 -16.73 20.88
C ALA C 67 0.70 -16.56 21.53
N ALA C 68 1.51 -15.67 20.94
CA ALA C 68 2.86 -15.40 21.45
C ALA C 68 2.82 -14.67 22.78
N GLU C 69 1.85 -13.78 22.90
CA GLU C 69 1.63 -12.97 24.09
C GLU C 69 1.16 -13.89 25.22
N LEU C 70 0.25 -14.80 24.90
CA LEU C 70 -0.21 -15.83 25.84
C LEU C 70 0.92 -16.74 26.34
N ALA C 71 1.80 -17.15 25.42
CA ALA C 71 2.94 -18.01 25.74
C ALA C 71 4.06 -17.29 26.49
N GLY C 72 4.04 -15.96 26.43
CA GLY C 72 5.06 -15.15 27.10
C GLY C 72 6.39 -15.05 26.37
N GLU C 73 6.44 -15.50 25.12
CA GLU C 73 7.68 -15.43 24.33
C GLU C 73 7.42 -15.51 22.84
N GLY C 74 8.41 -15.09 22.06
CA GLY C 74 8.32 -15.03 20.62
C GLY C 74 7.33 -14.00 20.10
N ASP C 75 6.95 -14.13 18.83
CA ASP C 75 5.99 -13.21 18.19
C ASP C 75 5.44 -13.93 16.98
N GLU C 76 4.67 -13.23 16.14
CA GLU C 76 4.05 -13.85 14.96
C GLU C 76 5.08 -14.43 13.99
N ASP C 77 6.27 -13.82 13.95
CA ASP C 77 7.27 -14.31 13.01
C ASP C 77 7.99 -15.55 13.54
N THR C 78 8.30 -15.60 14.83
CA THR C 78 8.89 -16.84 15.39
C THR C 78 7.90 -18.00 15.21
N LEU C 79 6.62 -17.71 15.44
CA LEU C 79 5.60 -18.74 15.25
C LEU C 79 5.46 -19.19 13.82
N ALA C 80 5.43 -18.25 12.87
CA ALA C 80 5.21 -18.62 11.46
C ALA C 80 6.43 -19.30 10.84
N PHE C 81 7.63 -18.85 11.20
CA PHE C 81 8.84 -19.22 10.46
C PHE C 81 9.78 -20.19 11.15
N THR C 82 9.57 -20.47 12.44
CA THR C 82 10.48 -21.35 13.16
C THR C 82 9.84 -22.64 13.69
N ARG C 83 8.56 -22.88 13.38
CA ARG C 83 7.90 -24.15 13.72
C ARG C 83 7.98 -25.07 12.50
N ASP C 84 8.09 -26.38 12.74
CA ASP C 84 8.09 -27.32 11.61
C ASP C 84 6.69 -27.88 11.42
N GLU C 85 6.54 -28.77 10.45
CA GLU C 85 5.18 -29.24 10.11
C GLU C 85 4.47 -30.01 11.22
N ARG C 86 5.24 -30.62 12.13
CA ARG C 86 4.66 -31.38 13.23
C ARG C 86 4.14 -30.46 14.35
N GLN C 87 4.55 -29.19 14.33
CA GLN C 87 4.04 -28.20 15.29
C GLN C 87 2.90 -27.34 14.72
N PHE C 88 2.79 -27.26 13.40
CA PHE C 88 1.70 -26.52 12.75
C PHE C 88 0.36 -27.21 13.04
N SER C 89 -0.68 -26.41 13.27
CA SER C 89 -1.96 -26.97 13.75
C SER C 89 -3.15 -26.53 12.91
N ASN C 90 -2.89 -26.19 11.65
CA ASN C 90 -3.97 -25.79 10.74
C ASN C 90 -4.80 -26.99 10.33
N LEU C 91 -6.04 -26.71 9.92
CA LEU C 91 -6.90 -27.72 9.34
C LEU C 91 -6.28 -28.27 8.07
N LEU C 92 -6.56 -29.55 7.80
CA LEU C 92 -6.06 -30.19 6.58
C LEU C 92 -6.65 -29.55 5.32
N LEU C 93 -7.85 -29.03 5.45
CA LEU C 93 -8.52 -28.42 4.33
C LEU C 93 -7.73 -27.23 3.73
N VAL C 94 -7.08 -26.42 4.58
CA VAL C 94 -6.46 -25.16 4.09
C VAL C 94 -5.11 -25.41 3.44
N GLU C 95 -4.54 -26.61 3.64
CA GLU C 95 -3.24 -26.96 3.03
C GLU C 95 -3.37 -27.70 1.70
N GLN C 96 -4.60 -27.97 1.29
CA GLN C 96 -4.83 -28.60 0.00
C GLN C 96 -4.31 -27.75 -1.17
N PRO C 97 -3.77 -28.40 -2.22
CA PRO C 97 -3.28 -27.66 -3.40
C PRO C 97 -4.37 -26.80 -4.05
N ASN C 98 -3.95 -25.69 -4.65
CA ASN C 98 -4.88 -24.82 -5.37
C ASN C 98 -5.68 -25.52 -6.46
N GLY C 99 -5.01 -26.40 -7.22
CA GLY C 99 -5.63 -27.15 -8.30
C GLY C 99 -6.16 -26.18 -9.35
N ASN C 100 -7.27 -26.53 -9.98
CA ASN C 100 -7.91 -25.60 -10.90
C ASN C 100 -8.76 -24.59 -10.11
N PHE C 101 -9.36 -23.63 -10.81
CA PHE C 101 -10.12 -22.58 -10.12
C PHE C 101 -11.28 -23.13 -9.27
N ALA C 102 -11.92 -24.21 -9.71
CA ALA C 102 -13.00 -24.83 -8.91
C ALA C 102 -12.47 -25.45 -7.61
N ASP C 103 -11.29 -26.05 -7.67
CA ASP C 103 -10.68 -26.64 -6.47
C ASP C 103 -10.42 -25.54 -5.45
N THR C 104 -10.00 -24.39 -5.95
CA THR C 104 -9.74 -23.23 -5.11
C THR C 104 -11.05 -22.65 -4.55
N ILE C 105 -12.08 -22.59 -5.39
CA ILE C 105 -13.39 -22.07 -4.96
C ILE C 105 -14.05 -22.98 -3.91
N ALA C 106 -13.97 -24.30 -4.12
CA ALA C 106 -14.54 -25.28 -3.19
C ALA C 106 -13.91 -25.14 -1.81
N ARG C 107 -12.58 -25.10 -1.77
CA ARG C 107 -11.85 -24.98 -0.52
C ARG C 107 -12.20 -23.68 0.18
N GLN C 108 -12.28 -22.59 -0.60
CA GLN C 108 -12.59 -21.27 -0.03
C GLN C 108 -14.01 -21.22 0.55
N TYR C 109 -14.96 -21.76 -0.20
CA TYR C 109 -16.35 -21.79 0.24
C TYR C 109 -16.57 -22.60 1.53
N PHE C 110 -15.96 -23.77 1.61
CA PHE C 110 -16.08 -24.61 2.81
C PHE C 110 -15.53 -23.86 4.01
N ILE C 111 -14.40 -23.18 3.81
CA ILE C 111 -13.73 -22.45 4.89
C ILE C 111 -14.46 -21.16 5.30
N ASP C 112 -14.89 -20.37 4.32
CA ASP C 112 -15.61 -19.14 4.61
C ASP C 112 -16.93 -19.41 5.32
N ALA C 113 -17.64 -20.45 4.90
CA ALA C 113 -18.88 -20.85 5.58
C ALA C 113 -18.59 -21.18 7.06
N TRP C 114 -17.48 -21.88 7.28
CA TRP C 114 -17.07 -22.26 8.63
C TRP C 114 -16.64 -21.05 9.46
N HIS C 115 -15.84 -20.17 8.85
CA HIS C 115 -15.39 -18.93 9.50
C HIS C 115 -16.56 -18.06 9.93
N VAL C 116 -17.55 -17.92 9.06
CA VAL C 116 -18.77 -17.16 9.37
C VAL C 116 -19.45 -17.76 10.59
N ALA C 117 -19.74 -19.06 10.56
CA ALA C 117 -20.32 -19.76 11.70
C ALA C 117 -19.47 -19.59 12.97
N LEU C 118 -18.16 -19.78 12.84
CA LEU C 118 -17.28 -19.73 14.00
C LEU C 118 -17.14 -18.34 14.60
N PHE C 119 -16.71 -17.38 13.78
CA PHE C 119 -16.47 -16.01 14.26
C PHE C 119 -17.72 -15.35 14.78
N THR C 120 -18.87 -15.68 14.20
CA THR C 120 -20.14 -15.20 14.73
C THR C 120 -20.25 -15.55 16.21
N ARG C 121 -19.90 -16.78 16.54
CA ARG C 121 -20.05 -17.21 17.92
C ARG C 121 -18.86 -16.86 18.81
N LEU C 122 -17.68 -16.80 18.21
CA LEU C 122 -16.46 -16.50 18.95
C LEU C 122 -16.37 -15.04 19.39
N MET C 123 -17.15 -14.16 18.76
CA MET C 123 -17.19 -12.77 19.22
C MET C 123 -18.02 -12.62 20.50
N GLU C 124 -18.61 -13.73 20.95
CA GLU C 124 -19.28 -13.80 22.25
C GLU C 124 -18.39 -14.53 23.27
N SER C 125 -17.11 -14.73 22.94
CA SER C 125 -16.15 -15.38 23.84
C SER C 125 -16.00 -14.60 25.13
N ARG C 126 -15.79 -15.31 26.23
CA ARG C 126 -15.52 -14.67 27.50
C ARG C 126 -14.06 -14.24 27.61
N ASP C 127 -13.26 -14.57 26.60
CA ASP C 127 -11.94 -13.98 26.47
C ASP C 127 -12.00 -12.75 25.58
N PRO C 128 -11.76 -11.55 26.17
CA PRO C 128 -11.92 -10.27 25.46
C PRO C 128 -11.09 -10.17 24.18
N GLN C 129 -9.85 -10.63 24.19
CA GLN C 129 -9.00 -10.52 23.03
C GLN C 129 -9.46 -11.42 21.90
N LEU C 130 -9.89 -12.63 22.25
CA LEU C 130 -10.44 -13.54 21.25
C LEU C 130 -11.74 -13.00 20.68
N ALA C 131 -12.56 -12.41 21.54
CA ALA C 131 -13.81 -11.80 21.11
C ALA C 131 -13.54 -10.64 20.14
N ALA C 132 -12.52 -9.83 20.46
CA ALA C 132 -12.19 -8.65 19.64
C ALA C 132 -11.60 -9.05 18.28
N ILE C 133 -10.65 -10.00 18.29
CA ILE C 133 -10.09 -10.54 17.05
C ILE C 133 -11.22 -11.08 16.16
N SER C 134 -12.15 -11.83 16.75
CA SER C 134 -13.28 -12.42 16.04
C SER C 134 -14.25 -11.40 15.48
N ALA C 135 -14.45 -10.30 16.21
CA ALA C 135 -15.33 -9.23 15.75
C ALA C 135 -14.78 -8.55 14.50
N LYS C 136 -13.46 -8.39 14.41
CA LYS C 136 -12.85 -7.93 13.16
C LYS C 136 -12.95 -8.97 12.03
N ALA C 137 -12.64 -10.23 12.34
CA ALA C 137 -12.57 -11.27 11.32
C ALA C 137 -13.91 -11.60 10.67
N ILE C 138 -14.99 -11.56 11.45
CA ILE C 138 -16.31 -11.88 10.91
C ILE C 138 -16.75 -10.95 9.75
N LYS C 139 -16.38 -9.68 9.83
CA LYS C 139 -16.73 -8.72 8.77
C LYS C 139 -16.07 -9.13 7.47
N GLU C 140 -14.80 -9.51 7.55
CA GLU C 140 -14.06 -9.99 6.39
C GLU C 140 -14.60 -11.35 5.91
N ALA C 141 -14.85 -12.27 6.84
CA ALA C 141 -15.36 -13.60 6.46
C ALA C 141 -16.67 -13.50 5.68
N ARG C 142 -17.52 -12.55 6.05
CA ARG C 142 -18.76 -12.32 5.32
C ARG C 142 -18.53 -11.93 3.84
N TYR C 143 -17.56 -11.07 3.61
CA TYR C 143 -17.14 -10.71 2.24
C TYR C 143 -16.66 -11.95 1.49
N HIS C 144 -15.80 -12.74 2.13
CA HIS C 144 -15.21 -13.93 1.50
C HIS C 144 -16.30 -14.91 1.04
N LEU C 145 -17.28 -15.14 1.91
CA LEU C 145 -18.39 -16.05 1.67
C LEU C 145 -19.24 -15.62 0.48
N ARG C 146 -19.52 -14.31 0.35
CA ARG C 146 -20.25 -13.81 -0.83
C ARG C 146 -19.49 -14.14 -2.12
N PHE C 147 -18.17 -13.92 -2.11
CA PHE C 147 -17.31 -14.19 -3.25
C PHE C 147 -17.26 -15.69 -3.61
N SER C 148 -16.98 -16.53 -2.62
CA SER C 148 -16.85 -17.97 -2.85
C SER C 148 -18.19 -18.60 -3.21
N ARG C 149 -19.25 -18.24 -2.49
CA ARG C 149 -20.57 -18.75 -2.83
C ARG C 149 -21.02 -18.27 -4.21
N GLY C 150 -20.74 -17.01 -4.52
CA GLY C 150 -21.03 -16.45 -5.84
C GLY C 150 -20.36 -17.25 -6.94
N TRP C 151 -19.09 -17.60 -6.75
CA TRP C 151 -18.38 -18.40 -7.74
C TRP C 151 -18.80 -19.87 -7.77
N LEU C 152 -19.20 -20.42 -6.63
CA LEU C 152 -19.78 -21.78 -6.62
C LEU C 152 -21.01 -21.84 -7.55
N GLU C 153 -21.88 -20.84 -7.43
CA GLU C 153 -23.09 -20.78 -8.25
C GLU C 153 -22.79 -20.56 -9.72
N ARG C 154 -21.83 -19.68 -10.01
CA ARG C 154 -21.46 -19.35 -11.39
C ARG C 154 -20.83 -20.53 -12.10
N LEU C 155 -20.04 -21.31 -11.38
CA LEU C 155 -19.37 -22.46 -11.97
C LEU C 155 -20.32 -23.66 -12.03
N GLY C 156 -20.96 -23.97 -10.90
CA GLY C 156 -21.91 -25.08 -10.83
C GLY C 156 -23.05 -24.96 -11.81
N ASN C 157 -23.57 -23.74 -11.95
CA ASN C 157 -24.68 -23.44 -12.85
C ASN C 157 -24.22 -22.60 -14.05
N GLY C 158 -23.06 -22.95 -14.61
CA GLY C 158 -22.50 -22.24 -15.76
C GLY C 158 -22.67 -23.04 -17.03
N THR C 159 -21.59 -23.71 -17.44
CA THR C 159 -21.63 -24.62 -18.57
C THR C 159 -21.64 -26.07 -18.06
N ASP C 160 -21.81 -27.04 -18.97
CA ASP C 160 -21.63 -28.45 -18.64
C ASP C 160 -20.24 -28.68 -18.05
N VAL C 161 -19.22 -28.20 -18.77
CA VAL C 161 -17.83 -28.28 -18.37
C VAL C 161 -17.60 -27.72 -16.96
N SER C 162 -18.03 -26.49 -16.71
CA SER C 162 -17.81 -25.85 -15.42
C SER C 162 -18.57 -26.56 -14.30
N GLY C 163 -19.78 -27.01 -14.60
CA GLY C 163 -20.60 -27.80 -13.67
C GLY C 163 -19.92 -29.08 -13.20
N GLN C 164 -19.33 -29.80 -14.15
CA GLN C 164 -18.55 -31.00 -13.86
C GLN C 164 -17.31 -30.73 -13.01
N LYS C 165 -16.53 -29.72 -13.40
CA LYS C 165 -15.34 -29.36 -12.62
C LYS C 165 -15.69 -28.98 -11.20
N MET C 166 -16.80 -28.26 -11.02
CA MET C 166 -17.22 -27.81 -9.69
C MET C 166 -17.68 -29.00 -8.81
N GLN C 167 -18.47 -29.90 -9.39
CA GLN C 167 -18.83 -31.14 -8.68
C GLN C 167 -17.59 -31.91 -8.24
N GLN C 168 -16.68 -32.16 -9.18
CA GLN C 168 -15.45 -32.87 -8.88
C GLN C 168 -14.62 -32.19 -7.80
N ALA C 169 -14.52 -30.86 -7.87
CA ALA C 169 -13.80 -30.10 -6.85
C ALA C 169 -14.39 -30.33 -5.45
N ILE C 170 -15.70 -30.30 -5.37
CA ILE C 170 -16.43 -30.56 -4.13
C ILE C 170 -16.17 -31.98 -3.60
N ASN C 171 -16.27 -32.97 -4.49
CA ASN C 171 -16.06 -34.38 -4.15
C ASN C 171 -14.64 -34.63 -3.64
N LYS C 172 -13.67 -33.97 -4.28
CA LYS C 172 -12.26 -34.17 -3.99
C LYS C 172 -11.92 -33.64 -2.62
N LEU C 173 -12.63 -32.62 -2.16
CA LEU C 173 -12.28 -31.98 -0.89
C LEU C 173 -13.10 -32.46 0.29
N TRP C 174 -14.23 -33.13 0.01
CA TRP C 174 -15.22 -33.48 1.05
C TRP C 174 -14.67 -34.19 2.30
N ARG C 175 -13.77 -35.14 2.12
CA ARG C 175 -13.30 -35.96 3.22
C ARG C 175 -12.64 -35.14 4.34
N PHE C 176 -12.12 -33.95 3.98
CA PHE C 176 -11.46 -33.05 4.94
C PHE C 176 -12.41 -32.20 5.76
N THR C 177 -13.70 -32.23 5.43
CA THR C 177 -14.67 -31.40 6.16
C THR C 177 -14.98 -31.96 7.55
N ALA C 178 -14.66 -33.24 7.79
CA ALA C 178 -14.87 -33.86 9.12
C ALA C 178 -14.14 -33.07 10.22
N GLU C 179 -12.95 -32.58 9.88
CA GLU C 179 -12.13 -31.87 10.85
C GLU C 179 -12.75 -30.53 11.30
N LEU C 180 -13.64 -29.97 10.49
CA LEU C 180 -14.33 -28.72 10.83
C LEU C 180 -15.19 -28.86 12.08
N PHE C 181 -15.64 -30.08 12.39
CA PHE C 181 -16.55 -30.33 13.53
C PHE C 181 -15.98 -31.33 14.55
N ASP C 182 -14.69 -31.62 14.41
CA ASP C 182 -13.91 -32.46 15.32
C ASP C 182 -13.61 -31.67 16.58
N ALA C 183 -13.95 -32.22 17.74
CA ALA C 183 -13.60 -31.58 19.00
C ALA C 183 -12.60 -32.43 19.80
N ASP C 184 -11.53 -31.79 20.29
CA ASP C 184 -10.63 -32.45 21.24
C ASP C 184 -10.75 -31.84 22.64
N GLU C 185 -9.89 -32.28 23.58
CA GLU C 185 -10.02 -31.84 24.97
C GLU C 185 -9.77 -30.34 25.15
N ILE C 186 -8.90 -29.77 24.32
CA ILE C 186 -8.71 -28.31 24.28
C ILE C 186 -10.01 -27.57 23.92
N ASP C 187 -10.63 -27.93 22.79
CA ASP C 187 -11.94 -27.40 22.39
C ASP C 187 -12.99 -27.48 23.50
N ILE C 188 -13.15 -28.68 24.07
CA ILE C 188 -14.22 -28.95 25.02
C ILE C 188 -13.99 -28.20 26.32
N ALA C 189 -12.76 -28.30 26.85
CA ALA C 189 -12.44 -27.63 28.10
C ALA C 189 -12.63 -26.11 28.02
N LEU C 190 -12.16 -25.51 26.92
CA LEU C 190 -12.29 -24.06 26.73
C LEU C 190 -13.72 -23.61 26.45
N SER C 191 -14.48 -24.48 25.80
CA SER C 191 -15.88 -24.26 25.50
C SER C 191 -16.74 -24.29 26.77
N GLU C 192 -16.37 -25.16 27.70
CA GLU C 192 -17.09 -25.25 28.97
C GLU C 192 -16.81 -24.05 29.87
N GLU C 193 -15.68 -23.37 29.62
CA GLU C 193 -15.36 -22.11 30.29
C GLU C 193 -15.97 -20.90 29.56
N GLY C 194 -16.69 -21.16 28.47
CA GLY C 194 -17.26 -20.11 27.64
C GLY C 194 -16.24 -19.29 26.86
N ILE C 195 -15.08 -19.87 26.60
CA ILE C 195 -14.00 -19.16 25.91
C ILE C 195 -13.95 -19.56 24.43
N ALA C 196 -14.05 -20.86 24.18
CA ALA C 196 -14.01 -21.37 22.81
C ALA C 196 -15.36 -21.84 22.34
N VAL C 197 -15.48 -22.04 21.04
CA VAL C 197 -16.66 -22.65 20.46
C VAL C 197 -16.36 -24.13 20.28
N ASP C 198 -17.27 -24.98 20.77
CA ASP C 198 -17.20 -26.42 20.55
C ASP C 198 -17.54 -26.70 19.07
N PRO C 199 -16.56 -27.15 18.27
CA PRO C 199 -16.75 -27.25 16.80
C PRO C 199 -17.88 -28.16 16.37
N ARG C 200 -18.26 -29.12 17.22
CA ARG C 200 -19.37 -30.03 16.94
C ARG C 200 -20.68 -29.26 16.78
N THR C 201 -20.79 -28.15 17.52
CA THR C 201 -22.01 -27.35 17.49
C THR C 201 -22.03 -26.37 16.31
N LEU C 202 -21.01 -26.41 15.45
CA LEU C 202 -20.95 -25.59 14.23
C LEU C 202 -21.57 -26.29 13.03
N ARG C 203 -21.83 -27.59 13.15
CA ARG C 203 -22.27 -28.43 12.03
C ARG C 203 -23.60 -27.95 11.41
N ALA C 204 -24.61 -27.73 12.26
CA ALA C 204 -25.93 -27.32 11.82
C ALA C 204 -25.83 -26.07 10.92
N ALA C 205 -25.18 -25.03 11.42
CA ALA C 205 -25.02 -23.78 10.66
C ALA C 205 -24.21 -23.95 9.38
N TRP C 206 -23.15 -24.74 9.43
CA TRP C 206 -22.28 -24.92 8.27
C TRP C 206 -23.05 -25.70 7.20
N GLU C 207 -23.70 -26.78 7.62
CA GLU C 207 -24.53 -27.60 6.72
C GLU C 207 -25.72 -26.82 6.15
N ALA C 208 -26.38 -25.98 6.97
CA ALA C 208 -27.46 -25.13 6.46
C ALA C 208 -26.98 -24.23 5.32
N GLU C 209 -25.82 -23.59 5.50
CA GLU C 209 -25.22 -22.76 4.45
C GLU C 209 -24.77 -23.60 3.26
N VAL C 210 -23.91 -24.59 3.50
CA VAL C 210 -23.22 -25.31 2.43
C VAL C 210 -24.18 -26.19 1.62
N PHE C 211 -25.06 -26.91 2.29
CA PHE C 211 -26.06 -27.72 1.60
C PHE C 211 -26.92 -26.86 0.67
N ALA C 212 -27.40 -25.72 1.17
CA ALA C 212 -28.20 -24.80 0.36
C ALA C 212 -27.39 -24.28 -0.84
N GLY C 213 -26.15 -23.87 -0.60
CA GLY C 213 -25.27 -23.34 -1.66
C GLY C 213 -25.00 -24.31 -2.80
N ILE C 214 -24.66 -25.55 -2.44
CA ILE C 214 -24.46 -26.62 -3.42
C ILE C 214 -25.74 -26.88 -4.22
N ASN C 215 -26.88 -26.95 -3.52
CA ASN C 215 -28.17 -27.14 -4.18
C ASN C 215 -28.47 -26.02 -5.18
N GLU C 216 -28.33 -24.78 -4.72
CA GLU C 216 -28.54 -23.61 -5.55
C GLU C 216 -27.65 -23.61 -6.80
N ALA C 217 -26.42 -24.10 -6.65
CA ALA C 217 -25.47 -24.23 -7.75
C ALA C 217 -25.82 -25.36 -8.71
N THR C 218 -26.90 -26.10 -8.39
CA THR C 218 -27.37 -27.28 -9.15
C THR C 218 -26.41 -28.47 -9.04
N LEU C 219 -25.77 -28.58 -7.89
CA LEU C 219 -24.82 -29.65 -7.65
C LEU C 219 -25.31 -30.59 -6.55
N ASN C 220 -24.59 -31.71 -6.36
CA ASN C 220 -24.95 -32.69 -5.34
C ASN C 220 -24.02 -32.64 -4.12
N VAL C 221 -24.61 -32.80 -2.93
CA VAL C 221 -23.83 -33.00 -1.72
C VAL C 221 -23.22 -34.39 -1.84
N PRO C 222 -21.89 -34.51 -1.66
CA PRO C 222 -21.23 -35.80 -1.73
C PRO C 222 -21.80 -36.77 -0.71
N GLN C 223 -21.94 -38.03 -1.09
CA GLN C 223 -22.45 -39.04 -0.16
C GLN C 223 -21.36 -39.72 0.69
N GLU C 224 -20.11 -39.65 0.25
CA GLU C 224 -18.97 -40.12 1.05
C GLU C 224 -19.04 -39.52 2.46
N GLN C 225 -18.95 -40.36 3.48
CA GLN C 225 -18.84 -39.87 4.85
C GLN C 225 -17.43 -39.29 5.10
N ALA C 226 -17.34 -38.01 5.46
CA ALA C 226 -16.03 -37.35 5.67
C ALA C 226 -15.26 -38.02 6.81
N TYR C 227 -13.97 -38.26 6.63
CA TYR C 227 -13.23 -39.07 7.59
C TYR C 227 -11.83 -38.58 7.92
N ARG C 228 -11.36 -37.51 7.26
CA ARG C 228 -9.98 -37.07 7.44
C ARG C 228 -9.77 -35.98 8.50
N THR C 229 -8.96 -36.29 9.51
CA THR C 229 -8.56 -35.31 10.53
C THR C 229 -7.08 -35.50 10.89
N GLY C 230 -6.54 -34.56 11.65
CA GLY C 230 -5.20 -34.69 12.23
C GLY C 230 -4.40 -33.40 12.18
N GLY C 231 -4.81 -32.47 11.32
CA GLY C 231 -4.10 -31.20 11.18
C GLY C 231 -3.89 -30.51 12.51
N LYS C 232 -4.95 -30.45 13.34
CA LYS C 232 -4.87 -29.79 14.66
C LYS C 232 -3.85 -30.42 15.60
N LYS C 233 -3.49 -31.67 15.37
CA LYS C 233 -2.52 -32.40 16.20
C LYS C 233 -1.13 -32.41 15.58
N GLY C 234 -0.93 -31.59 14.56
CA GLY C 234 0.31 -31.59 13.80
C GLY C 234 0.51 -32.83 12.92
N LEU C 235 -0.58 -33.49 12.55
CA LEU C 235 -0.51 -34.68 11.69
C LEU C 235 -1.11 -34.31 10.34
N HIS C 236 -0.24 -33.91 9.43
CA HIS C 236 -0.64 -33.24 8.18
C HIS C 236 -0.58 -34.17 6.97
N THR C 237 -1.14 -33.70 5.85
CA THR C 237 -0.89 -34.38 4.59
C THR C 237 0.56 -34.08 4.18
N GLU C 238 1.01 -34.73 3.10
CA GLU C 238 2.33 -34.51 2.55
C GLU C 238 2.46 -33.15 1.84
N HIS C 239 1.38 -32.39 1.80
CA HIS C 239 1.42 -31.04 1.23
C HIS C 239 2.04 -29.97 2.08
N LEU C 240 1.94 -30.09 3.39
CA LEU C 240 2.41 -29.01 4.27
C LEU C 240 3.93 -28.82 4.27
N GLY C 241 4.69 -29.89 4.39
CA GLY C 241 6.16 -29.78 4.44
C GLY C 241 6.74 -28.88 3.33
N PRO C 242 6.39 -29.16 2.07
CA PRO C 242 6.87 -28.33 0.95
C PRO C 242 6.40 -26.87 1.02
N MET C 243 5.17 -26.61 1.47
CA MET C 243 4.71 -25.24 1.69
C MET C 243 5.59 -24.52 2.69
N LEU C 244 5.91 -25.20 3.80
CA LEU C 244 6.77 -24.60 4.84
C LEU C 244 8.21 -24.41 4.36
N ALA C 245 8.72 -25.33 3.54
CA ALA C 245 10.06 -25.12 2.98
C ALA C 245 10.12 -23.79 2.20
N GLU C 246 9.08 -23.53 1.42
CA GLU C 246 9.03 -22.33 0.59
C GLU C 246 8.84 -21.10 1.49
N MET C 247 7.83 -21.16 2.37
CA MET C 247 7.53 -20.05 3.23
C MET C 247 8.70 -19.63 4.12
N GLN C 248 9.43 -20.61 4.67
CA GLN C 248 10.39 -20.30 5.74
C GLN C 248 11.83 -20.14 5.27
N TYR C 249 12.10 -20.42 4.00
CA TYR C 249 13.49 -20.52 3.52
C TYR C 249 14.40 -19.38 4.00
N LEU C 250 13.99 -18.14 3.73
CA LEU C 250 14.84 -16.98 4.04
C LEU C 250 15.13 -16.85 5.55
N GLN C 251 14.08 -16.99 6.33
CA GLN C 251 14.22 -16.98 7.78
C GLN C 251 15.12 -18.10 8.25
N ARG C 252 15.02 -19.28 7.64
CA ARG C 252 15.91 -20.39 8.02
C ARG C 252 17.37 -20.09 7.67
N VAL C 253 17.58 -19.49 6.50
CA VAL C 253 18.94 -19.15 6.01
C VAL C 253 19.56 -18.01 6.83
N LEU C 254 18.75 -17.01 7.16
CA LEU C 254 19.24 -15.81 7.87
C LEU C 254 18.40 -15.57 9.12
N PRO C 255 18.57 -16.45 10.14
CA PRO C 255 17.72 -16.34 11.34
C PRO C 255 18.04 -15.16 12.24
N GLY C 256 17.04 -14.75 13.02
CA GLY C 256 17.21 -13.76 14.10
C GLY C 256 17.43 -12.34 13.62
N GLN C 257 16.94 -12.01 12.43
CA GLN C 257 17.17 -10.65 11.88
C GLN C 257 15.89 -9.83 11.84
N GLN C 258 16.03 -8.55 11.48
CA GLN C 258 14.89 -7.64 11.30
C GLN C 258 14.75 -7.34 9.80
N TRP C 259 13.53 -7.23 9.31
CA TRP C 259 13.28 -7.15 7.87
C TRP C 259 12.36 -6.00 7.50
#